data_8VHH
#
_entry.id   8VHH
#
_cell.length_a   165.698
_cell.length_b   165.698
_cell.length_c   83.061
_cell.angle_alpha   90.000
_cell.angle_beta   90.000
_cell.angle_gamma   90.000
#
_symmetry.space_group_name_H-M   'I 4'
#
loop_
_entity.id
_entity.type
_entity.pdbx_description
1 polymer 'Tryptophan synthase beta chain 1'
2 non-polymer "PYRIDOXAL-5'-PHOSPHATE"
3 non-polymer 'POTASSIUM ION'
4 non-polymer 'PHOSPHATE ION'
5 water water
#
_entity_poly.entity_id   1
_entity_poly.type   'polypeptide(L)'
_entity_poly.pdbx_seq_one_letter_code
;MKGYFGPYGGQYVPEILMGALEELEAAYEGIMKDESFWKEFNDLLRDYAGRPTPLYFARRLSEKYGARVYLKREDLLHTG
AHKINNAIGQVLLAKLMGKTRIIAETGAGQHGVATATAAALFGMECVIYMGEEDTIRQKLNVERMKLLGAKVVPVKSGSR
TLKDAIDEALRDWITNLQTTYYVFGSVVGPHPYPIIVRNFQKVIGEETKKQIPEKEGRLPDYIVACVSGGSNAAGIFYPF
IDSGVKLIGVEAGGEGLETGKHAASLLKGKIGYLHGSKTFVLQDDWGQVQVSHSVSAGLDYSGVGPEHAYWRETGKVLYD
AVTDEEALDAFIELSRLEGIIPALESSHALAYLKKINIKGKVVVVNLSGRGDKDLESVLNHPYVRERIRLEHHHHHH
;
_entity_poly.pdbx_strand_id   A,B
#
# COMPACT_ATOMS: atom_id res chain seq x y z
N LYS A 2 37.34 1.17 -11.33
CA LYS A 2 36.73 0.86 -10.05
C LYS A 2 35.92 2.04 -9.54
N GLY A 3 34.62 1.80 -9.32
CA GLY A 3 33.73 2.85 -8.89
C GLY A 3 33.21 3.74 -10.00
N TYR A 4 33.59 3.49 -11.25
CA TYR A 4 33.18 4.30 -12.37
C TYR A 4 32.32 3.49 -13.33
N PHE A 5 31.35 4.15 -13.94
CA PHE A 5 30.55 3.58 -15.02
C PHE A 5 31.01 4.30 -16.29
N GLY A 6 31.96 3.71 -16.98
CA GLY A 6 32.68 4.43 -18.01
C GLY A 6 33.40 5.60 -17.39
N PRO A 7 33.13 6.81 -17.89
CA PRO A 7 33.76 8.01 -17.33
C PRO A 7 33.03 8.58 -16.11
N TYR A 8 31.85 8.07 -15.77
CA TYR A 8 31.03 8.67 -14.72
C TYR A 8 31.14 7.88 -13.42
N GLY A 9 30.96 8.59 -12.30
CA GLY A 9 30.99 7.95 -11.00
C GLY A 9 32.06 8.50 -10.08
N GLY A 10 32.81 7.61 -9.44
CA GLY A 10 33.93 8.01 -8.63
C GLY A 10 33.57 8.36 -7.20
N GLN A 11 34.54 8.98 -6.51
CA GLN A 11 34.42 9.38 -5.12
C GLN A 11 34.99 10.79 -4.98
N TYR A 12 34.21 11.78 -5.40
CA TYR A 12 34.63 13.18 -5.37
C TYR A 12 34.09 13.81 -4.10
N VAL A 13 34.74 13.48 -2.98
CA VAL A 13 34.25 13.81 -1.65
C VAL A 13 35.38 14.48 -0.87
N PRO A 14 35.06 15.16 0.23
CA PRO A 14 36.12 15.60 1.14
C PRO A 14 36.91 14.40 1.63
N GLU A 15 38.21 14.65 1.87
CA GLU A 15 39.13 13.55 2.18
C GLU A 15 38.74 12.82 3.47
N ILE A 16 38.09 13.52 4.40
CA ILE A 16 37.72 12.90 5.67
C ILE A 16 36.65 11.82 5.48
N LEU A 17 35.97 11.81 4.34
CA LEU A 17 34.95 10.80 4.07
C LEU A 17 35.50 9.52 3.46
N MET A 18 36.77 9.52 3.01
CA MET A 18 37.29 8.34 2.32
C MET A 18 37.39 7.12 3.24
N GLY A 19 37.67 7.33 4.52
CA GLY A 19 37.74 6.21 5.44
C GLY A 19 36.40 5.50 5.58
N ALA A 20 35.31 6.25 5.63
CA ALA A 20 33.99 5.64 5.72
C ALA A 20 33.61 4.95 4.41
N LEU A 21 33.96 5.56 3.28
CA LEU A 21 33.62 4.97 1.99
C LEU A 21 34.39 3.68 1.75
N GLU A 22 35.66 3.64 2.14
CA GLU A 22 36.45 2.41 1.98
C GLU A 22 35.99 1.32 2.95
N GLU A 23 35.56 1.71 4.14
CA GLU A 23 35.00 0.73 5.08
C GLU A 23 33.70 0.16 4.54
N LEU A 24 32.81 1.02 4.02
CA LEU A 24 31.56 0.54 3.44
C LEU A 24 31.80 -0.34 2.23
N GLU A 25 32.77 0.03 1.39
CA GLU A 25 33.07 -0.77 0.21
C GLU A 25 33.59 -2.15 0.60
N ALA A 26 34.43 -2.21 1.64
CA ALA A 26 34.92 -3.50 2.10
C ALA A 26 33.82 -4.31 2.78
N ALA A 27 32.98 -3.65 3.57
CA ALA A 27 31.88 -4.36 4.23
C ALA A 27 30.88 -4.88 3.21
N TYR A 28 30.65 -4.14 2.12
CA TYR A 28 29.72 -4.59 1.10
C TYR A 28 30.31 -5.73 0.27
N GLU A 29 31.58 -5.62 -0.10
CA GLU A 29 32.23 -6.69 -0.84
C GLU A 29 32.34 -7.97 -0.02
N GLY A 30 32.31 -7.87 1.31
CA GLY A 30 32.37 -9.05 2.14
C GLY A 30 31.07 -9.83 2.18
N ILE A 31 29.94 -9.14 2.05
CA ILE A 31 28.63 -9.78 2.16
C ILE A 31 28.16 -10.26 0.80
N MET A 32 29.04 -10.15 -0.20
CA MET A 32 28.69 -10.57 -1.55
C MET A 32 28.36 -12.06 -1.60
N LYS A 33 29.16 -12.89 -0.91
CA LYS A 33 28.91 -14.32 -0.85
C LYS A 33 28.28 -14.75 0.47
N ASP A 34 28.06 -13.83 1.40
CA ASP A 34 27.41 -14.14 2.67
C ASP A 34 25.99 -14.63 2.40
N GLU A 35 25.82 -15.96 2.30
CA GLU A 35 24.52 -16.52 1.95
C GLU A 35 23.46 -16.18 2.99
N SER A 36 23.85 -16.01 4.25
CA SER A 36 22.87 -15.67 5.28
C SER A 36 22.38 -14.24 5.14
N PHE A 37 23.22 -13.32 4.63
CA PHE A 37 22.78 -11.95 4.43
C PHE A 37 21.74 -11.87 3.32
N TRP A 38 22.06 -12.41 2.14
CA TRP A 38 21.13 -12.37 1.03
C TRP A 38 19.91 -13.23 1.26
N LYS A 39 20.00 -14.22 2.15
CA LYS A 39 18.81 -14.99 2.52
C LYS A 39 17.90 -14.17 3.43
N GLU A 40 18.49 -13.55 4.47
CA GLU A 40 17.70 -12.69 5.35
C GLU A 40 17.16 -11.48 4.61
N PHE A 41 17.93 -10.95 3.66
CA PHE A 41 17.46 -9.84 2.84
C PHE A 41 16.29 -10.29 1.97
N ASN A 42 16.43 -11.42 1.27
CA ASN A 42 15.35 -11.91 0.42
C ASN A 42 14.17 -12.41 1.24
N ASP A 43 14.42 -12.90 2.45
CA ASP A 43 13.31 -13.32 3.31
C ASP A 43 12.51 -12.11 3.78
N LEU A 44 13.19 -11.01 4.11
CA LEU A 44 12.48 -9.80 4.50
C LEU A 44 11.75 -9.18 3.31
N LEU A 45 12.35 -9.27 2.11
CA LEU A 45 11.67 -8.78 0.92
C LEU A 45 10.36 -9.52 0.69
N ARG A 46 10.36 -10.84 0.95
CA ARG A 46 9.16 -11.64 0.72
C ARG A 46 8.10 -11.38 1.80
N ASP A 47 8.49 -11.47 3.07
CA ASP A 47 7.52 -11.45 4.16
C ASP A 47 7.26 -10.07 4.73
N TYR A 48 8.25 -9.18 4.73
CA TYR A 48 8.08 -7.86 5.29
C TYR A 48 7.66 -6.82 4.24
N ALA A 49 8.28 -6.86 3.07
CA ALA A 49 7.96 -5.91 2.01
C ALA A 49 6.81 -6.39 1.13
N GLY A 50 6.70 -7.69 0.90
CA GLY A 50 5.65 -8.24 0.07
C GLY A 50 6.08 -8.76 -1.28
N ARG A 51 7.38 -8.95 -1.50
CA ARG A 51 7.86 -9.45 -2.78
C ARG A 51 7.53 -10.94 -2.90
N PRO A 52 7.40 -11.45 -4.13
CA PRO A 52 7.51 -10.75 -5.43
C PRO A 52 6.29 -9.89 -5.73
N THR A 53 6.48 -8.77 -6.43
CA THR A 53 5.31 -8.00 -6.82
C THR A 53 4.77 -8.51 -8.15
N PRO A 54 3.46 -8.43 -8.35
CA PRO A 54 2.88 -8.98 -9.58
C PRO A 54 3.17 -8.11 -10.79
N LEU A 55 3.11 -8.75 -11.96
CA LEU A 55 3.17 -8.06 -13.24
C LEU A 55 1.74 -8.02 -13.79
N TYR A 56 1.09 -6.88 -13.63
CA TYR A 56 -0.35 -6.77 -13.86
C TYR A 56 -0.64 -6.32 -15.28
N PHE A 57 -1.51 -7.06 -15.97
CA PHE A 57 -1.97 -6.70 -17.30
C PHE A 57 -3.09 -5.66 -17.18
N ALA A 58 -2.84 -4.45 -17.67
CA ALA A 58 -3.80 -3.35 -17.58
C ALA A 58 -4.70 -3.39 -18.81
N ARG A 59 -5.85 -4.08 -18.68
CA ARG A 59 -6.69 -4.36 -19.83
C ARG A 59 -7.26 -3.07 -20.42
N ARG A 60 -7.86 -2.22 -19.58
CA ARG A 60 -8.48 -1.00 -20.08
C ARG A 60 -7.42 -0.03 -20.61
N LEU A 61 -6.27 0.04 -19.95
CA LEU A 61 -5.19 0.87 -20.47
C LEU A 61 -4.65 0.33 -21.78
N SER A 62 -4.59 -1.00 -21.92
CA SER A 62 -4.13 -1.60 -23.17
C SER A 62 -5.11 -1.35 -24.30
N GLU A 63 -6.41 -1.41 -24.01
CA GLU A 63 -7.41 -1.14 -25.04
C GLU A 63 -7.32 0.29 -25.56
N LYS A 64 -7.02 1.24 -24.66
CA LYS A 64 -6.97 2.64 -25.08
C LYS A 64 -5.83 2.89 -26.06
N TYR A 65 -4.67 2.29 -25.81
CA TYR A 65 -3.49 2.53 -26.64
C TYR A 65 -3.29 1.46 -27.71
N GLY A 66 -4.20 0.50 -27.81
CA GLY A 66 -4.05 -0.56 -28.80
C GLY A 66 -2.81 -1.39 -28.61
N ALA A 67 -2.38 -1.58 -27.37
CA ALA A 67 -1.13 -2.27 -27.08
C ALA A 67 -1.41 -3.35 -26.03
N ARG A 68 -0.34 -3.89 -25.45
CA ARG A 68 -0.42 -4.84 -24.35
C ARG A 68 0.46 -4.27 -23.24
N VAL A 69 -0.15 -3.49 -22.34
CA VAL A 69 0.59 -2.75 -21.32
C VAL A 69 0.54 -3.54 -20.02
N TYR A 70 1.72 -3.83 -19.48
CA TYR A 70 1.88 -4.50 -18.20
C TYR A 70 2.49 -3.53 -17.21
N LEU A 71 2.03 -3.58 -15.96
CA LEU A 71 2.50 -2.70 -14.90
C LEU A 71 3.20 -3.54 -13.85
N LYS A 72 4.48 -3.24 -13.60
CA LYS A 72 5.21 -3.86 -12.50
C LYS A 72 4.80 -3.16 -11.20
N ARG A 73 4.10 -3.89 -10.34
CA ARG A 73 3.32 -3.27 -9.25
C ARG A 73 4.17 -3.10 -7.99
N GLU A 74 5.18 -2.23 -8.10
CA GLU A 74 5.96 -1.87 -6.92
C GLU A 74 5.16 -1.01 -5.95
N ASP A 75 4.01 -0.49 -6.36
CA ASP A 75 3.16 0.26 -5.45
C ASP A 75 2.58 -0.61 -4.34
N LEU A 76 2.63 -1.93 -4.48
CA LEU A 76 2.04 -2.84 -3.51
C LEU A 76 2.98 -3.18 -2.35
N LEU A 77 4.21 -2.71 -2.37
CA LEU A 77 5.15 -3.03 -1.32
C LEU A 77 4.80 -2.28 -0.03
N HIS A 78 5.30 -2.80 1.08
CA HIS A 78 5.20 -2.09 2.36
C HIS A 78 5.78 -0.68 2.21
N THR A 79 5.10 0.28 2.84
CA THR A 79 5.33 1.73 2.73
C THR A 79 4.86 2.28 1.39
N GLY A 80 4.70 1.42 0.39
CA GLY A 80 4.08 1.82 -0.85
C GLY A 80 4.99 2.35 -1.93
N ALA A 81 6.25 1.91 -1.98
CA ALA A 81 7.19 2.35 -3.01
C ALA A 81 8.39 1.43 -3.04
N HIS A 82 9.08 1.43 -4.19
CA HIS A 82 10.27 0.61 -4.36
C HIS A 82 11.37 0.96 -3.37
N LYS A 83 11.33 2.14 -2.77
CA LYS A 83 12.38 2.57 -1.85
C LYS A 83 12.60 1.60 -0.70
N ILE A 84 11.58 0.79 -0.37
CA ILE A 84 11.71 -0.16 0.73
C ILE A 84 12.77 -1.22 0.43
N ASN A 85 12.93 -1.58 -0.85
CA ASN A 85 13.91 -2.59 -1.21
C ASN A 85 15.32 -2.17 -0.79
N ASN A 86 15.70 -0.93 -1.13
CA ASN A 86 17.04 -0.46 -0.82
C ASN A 86 17.18 -0.14 0.67
N ALA A 87 16.12 0.39 1.29
CA ALA A 87 16.19 0.79 2.69
C ALA A 87 16.42 -0.42 3.59
N ILE A 88 15.83 -1.56 3.24
CA ILE A 88 16.00 -2.75 4.06
C ILE A 88 17.42 -3.28 3.93
N GLY A 89 17.95 -3.32 2.72
CA GLY A 89 19.29 -3.86 2.52
C GLY A 89 20.37 -3.03 3.18
N GLN A 90 20.25 -1.71 3.10
CA GLN A 90 21.29 -0.85 3.65
C GLN A 90 21.24 -0.77 5.17
N VAL A 91 20.04 -0.72 5.75
CA VAL A 91 19.94 -0.68 7.19
C VAL A 91 20.37 -2.02 7.79
N LEU A 92 20.09 -3.13 7.10
CA LEU A 92 20.62 -4.42 7.53
C LEU A 92 22.14 -4.42 7.48
N LEU A 93 22.70 -3.94 6.37
CA LEU A 93 24.16 -3.80 6.27
C LEU A 93 24.68 -2.91 7.39
N ALA A 94 23.99 -1.80 7.67
CA ALA A 94 24.45 -0.87 8.70
C ALA A 94 24.44 -1.52 10.07
N LYS A 95 23.40 -2.32 10.37
CA LYS A 95 23.34 -3.00 11.66
C LYS A 95 24.47 -4.00 11.82
N LEU A 96 24.76 -4.76 10.76
CA LEU A 96 25.85 -5.74 10.81
C LEU A 96 27.21 -5.07 10.86
N MET A 97 27.34 -3.83 10.37
CA MET A 97 28.61 -3.11 10.47
C MET A 97 28.85 -2.53 11.86
N GLY A 98 27.89 -2.64 12.77
CA GLY A 98 28.06 -2.15 14.12
C GLY A 98 27.64 -0.70 14.34
N LYS A 99 27.09 -0.04 13.32
CA LYS A 99 26.62 1.33 13.50
C LYS A 99 25.41 1.34 14.43
N THR A 100 25.14 2.52 14.99
CA THR A 100 24.03 2.69 15.93
C THR A 100 23.13 3.87 15.58
N ARG A 101 23.39 4.58 14.49
CA ARG A 101 22.60 5.75 14.12
C ARG A 101 22.42 5.75 12.61
N ILE A 102 21.19 6.04 12.18
CA ILE A 102 20.82 6.03 10.77
C ILE A 102 20.33 7.42 10.40
N ILE A 103 20.90 8.00 9.35
CA ILE A 103 20.38 9.23 8.78
C ILE A 103 20.07 8.99 7.31
N ALA A 104 19.18 9.83 6.77
CA ALA A 104 18.78 9.71 5.38
C ALA A 104 18.15 11.01 4.93
N GLU A 105 18.14 11.21 3.62
CA GLU A 105 17.47 12.32 2.98
C GLU A 105 16.17 11.83 2.34
N THR A 106 15.25 12.77 2.11
CA THR A 106 14.02 12.40 1.44
C THR A 106 13.41 13.63 0.79
N GLY A 107 12.76 13.41 -0.36
CA GLY A 107 12.10 14.48 -1.08
C GLY A 107 10.62 14.53 -0.79
N ALA A 108 9.87 13.58 -1.35
CA ALA A 108 8.44 13.47 -1.08
C ALA A 108 8.14 12.79 0.25
N GLY A 109 9.15 12.20 0.90
CA GLY A 109 8.95 11.49 2.14
C GLY A 109 8.96 9.98 2.03
N GLN A 110 9.03 9.44 0.81
CA GLN A 110 8.99 7.98 0.65
C GLN A 110 10.24 7.31 1.21
N HIS A 111 11.42 7.81 0.83
CA HIS A 111 12.64 7.24 1.37
C HIS A 111 12.79 7.52 2.86
N GLY A 112 12.26 8.66 3.33
CA GLY A 112 12.28 8.93 4.75
C GLY A 112 11.42 7.96 5.53
N VAL A 113 10.25 7.61 4.99
CA VAL A 113 9.41 6.61 5.65
C VAL A 113 10.04 5.23 5.53
N ALA A 114 10.55 4.88 4.35
CA ALA A 114 11.15 3.57 4.16
C ALA A 114 12.38 3.39 5.04
N THR A 115 13.14 4.45 5.29
CA THR A 115 14.31 4.35 6.15
C THR A 115 13.89 4.24 7.61
N ALA A 116 12.99 5.12 8.06
CA ALA A 116 12.48 5.00 9.42
C ALA A 116 11.80 3.66 9.65
N THR A 117 11.16 3.12 8.62
CA THR A 117 10.55 1.80 8.74
C THR A 117 11.60 0.72 8.95
N ALA A 118 12.67 0.74 8.14
CA ALA A 118 13.75 -0.21 8.34
C ALA A 118 14.49 0.04 9.65
N ALA A 119 14.58 1.30 10.08
CA ALA A 119 15.24 1.59 11.34
C ALA A 119 14.43 1.08 12.53
N ALA A 120 13.11 1.20 12.48
CA ALA A 120 12.28 0.68 13.55
C ALA A 120 12.32 -0.85 13.58
N LEU A 121 12.38 -1.49 12.40
CA LEU A 121 12.44 -2.94 12.35
C LEU A 121 13.75 -3.47 12.94
N PHE A 122 14.86 -2.76 12.71
CA PHE A 122 16.16 -3.17 13.21
C PHE A 122 16.56 -2.44 14.49
N GLY A 123 15.65 -1.65 15.06
CA GLY A 123 15.89 -0.99 16.34
C GLY A 123 17.08 -0.07 16.35
N MET A 124 17.12 0.89 15.43
CA MET A 124 18.24 1.82 15.31
C MET A 124 17.73 3.25 15.38
N GLU A 125 18.48 4.10 16.07
CA GLU A 125 18.17 5.53 16.08
C GLU A 125 18.15 6.07 14.66
N CYS A 126 17.18 6.95 14.37
CA CYS A 126 16.96 7.41 13.01
C CYS A 126 16.71 8.90 12.99
N VAL A 127 17.37 9.60 12.07
CA VAL A 127 17.17 11.02 11.84
C VAL A 127 16.99 11.23 10.35
N ILE A 128 15.88 11.84 9.94
CA ILE A 128 15.57 12.07 8.54
C ILE A 128 15.64 13.56 8.26
N TYR A 129 16.28 13.92 7.14
CA TYR A 129 16.40 15.30 6.71
C TYR A 129 15.51 15.52 5.49
N MET A 130 14.68 16.56 5.56
CA MET A 130 13.67 16.85 4.54
C MET A 130 13.60 18.34 4.30
N GLY A 131 13.48 18.73 3.04
CA GLY A 131 13.32 20.14 2.72
C GLY A 131 12.05 20.70 3.33
N GLU A 132 12.15 21.92 3.87
CA GLU A 132 11.03 22.51 4.59
C GLU A 132 9.83 22.70 3.68
N GLU A 133 10.05 23.06 2.42
CA GLU A 133 8.93 23.18 1.49
C GLU A 133 8.25 21.84 1.26
N ASP A 134 8.99 20.74 1.40
CA ASP A 134 8.39 19.41 1.27
C ASP A 134 7.71 18.97 2.56
N THR A 135 8.22 19.40 3.71
CA THR A 135 7.58 19.02 4.97
C THR A 135 6.19 19.61 5.10
N ILE A 136 5.97 20.81 4.57
CA ILE A 136 4.67 21.47 4.69
C ILE A 136 3.66 20.82 3.75
N ARG A 137 4.10 20.30 2.61
CA ARG A 137 3.21 19.69 1.64
C ARG A 137 3.06 18.19 1.82
N GLN A 138 3.87 17.56 2.67
CA GLN A 138 3.80 16.13 2.95
C GLN A 138 3.69 15.87 4.44
N LYS A 139 2.68 16.49 5.07
CA LYS A 139 2.52 16.36 6.51
C LYS A 139 2.18 14.94 6.92
N LEU A 140 1.55 14.17 6.03
CA LEU A 140 1.20 12.79 6.36
C LEU A 140 2.46 11.94 6.49
N ASN A 141 3.38 12.05 5.54
CA ASN A 141 4.61 11.26 5.62
C ASN A 141 5.47 11.69 6.80
N VAL A 142 5.48 12.99 7.12
CA VAL A 142 6.26 13.46 8.27
C VAL A 142 5.77 12.80 9.55
N GLU A 143 4.45 12.69 9.72
CA GLU A 143 3.91 12.06 10.92
C GLU A 143 4.10 10.56 10.91
N ARG A 144 4.09 9.93 9.73
CA ARG A 144 4.44 8.51 9.64
C ARG A 144 5.84 8.27 10.17
N MET A 145 6.78 9.15 9.82
CA MET A 145 8.17 8.98 10.24
C MET A 145 8.32 9.13 11.75
N LYS A 146 7.66 10.14 12.33
CA LYS A 146 7.74 10.35 13.77
C LYS A 146 7.07 9.23 14.54
N LEU A 147 6.00 8.65 13.99
CA LEU A 147 5.36 7.51 14.63
C LEU A 147 6.27 6.29 14.63
N LEU A 148 7.07 6.11 13.58
CA LEU A 148 8.02 5.01 13.53
C LEU A 148 9.21 5.23 14.45
N GLY A 149 9.32 6.39 15.08
CA GLY A 149 10.38 6.65 16.04
C GLY A 149 11.54 7.47 15.54
N ALA A 150 11.42 8.09 14.37
CA ALA A 150 12.52 8.84 13.78
C ALA A 150 12.34 10.33 14.00
N LYS A 151 13.45 11.06 14.02
CA LYS A 151 13.45 12.51 14.14
C LYS A 151 13.47 13.12 12.74
N VAL A 152 12.60 14.10 12.51
CA VAL A 152 12.51 14.77 11.22
C VAL A 152 13.00 16.21 11.39
N VAL A 153 13.99 16.59 10.59
CA VAL A 153 14.56 17.93 10.65
C VAL A 153 14.27 18.66 9.34
N PRO A 154 13.42 19.68 9.34
CA PRO A 154 13.17 20.43 8.11
C PRO A 154 14.35 21.33 7.77
N VAL A 155 14.87 21.19 6.56
CA VAL A 155 16.02 21.96 6.11
C VAL A 155 15.51 23.30 5.58
N LYS A 156 16.04 24.40 6.13
CA LYS A 156 15.60 25.74 5.79
C LYS A 156 16.55 26.48 4.86
N SER A 157 17.65 25.84 4.45
CA SER A 157 18.64 26.50 3.62
C SER A 157 18.39 26.20 2.13
N GLY A 158 18.88 27.09 1.28
CA GLY A 158 18.76 26.89 -0.16
C GLY A 158 17.32 26.93 -0.61
N SER A 159 16.99 26.06 -1.57
CA SER A 159 15.63 25.96 -2.09
C SER A 159 14.71 25.16 -1.19
N ARG A 160 15.22 24.61 -0.08
CA ARG A 160 14.43 23.86 0.89
C ARG A 160 13.74 22.66 0.24
N THR A 161 14.52 21.91 -0.55
CA THR A 161 14.00 20.72 -1.21
C THR A 161 14.97 19.56 -1.07
N LEU A 162 14.90 18.61 -2.01
CA LEU A 162 15.68 17.38 -1.88
C LEU A 162 17.18 17.65 -1.88
N LYS A 163 17.64 18.50 -2.80
CA LYS A 163 19.08 18.76 -2.89
C LYS A 163 19.62 19.38 -1.61
N ASP A 164 18.88 20.35 -1.03
CA ASP A 164 19.34 20.97 0.20
C ASP A 164 19.24 20.03 1.39
N ALA A 165 18.29 19.09 1.36
CA ALA A 165 18.21 18.09 2.40
C ALA A 165 19.45 17.20 2.41
N ILE A 166 19.93 16.82 1.22
CA ILE A 166 21.16 16.05 1.12
C ILE A 166 22.34 16.85 1.66
N ASP A 167 22.36 18.15 1.37
CA ASP A 167 23.44 19.00 1.86
C ASP A 167 23.53 18.97 3.38
N GLU A 168 22.41 19.23 4.06
CA GLU A 168 22.41 19.22 5.52
C GLU A 168 22.64 17.82 6.08
N ALA A 169 22.13 16.79 5.41
CA ALA A 169 22.35 15.43 5.88
C ALA A 169 23.82 15.04 5.77
N LEU A 170 24.49 15.46 4.70
CA LEU A 170 25.92 15.19 4.57
C LEU A 170 26.73 15.89 5.65
N ARG A 171 26.30 17.08 6.07
CA ARG A 171 26.97 17.76 7.18
C ARG A 171 26.77 17.01 8.49
N ASP A 172 25.63 16.33 8.65
CA ASP A 172 25.44 15.46 9.81
C ASP A 172 26.39 14.26 9.75
N TRP A 173 26.46 13.61 8.58
CA TRP A 173 27.28 12.41 8.45
C TRP A 173 28.74 12.68 8.81
N ILE A 174 29.31 13.77 8.27
CA ILE A 174 30.71 14.08 8.53
C ILE A 174 30.93 14.39 10.00
N THR A 175 29.94 15.02 10.65
CA THR A 175 30.08 15.36 12.06
C THR A 175 30.01 14.14 12.96
N ASN A 176 29.32 13.08 12.52
CA ASN A 176 29.07 11.90 13.36
C ASN A 176 29.48 10.62 12.62
N LEU A 177 30.69 10.63 12.04
CA LEU A 177 31.15 9.48 11.28
C LEU A 177 31.31 8.22 12.14
N GLN A 178 31.55 8.39 13.43
CA GLN A 178 31.79 7.22 14.29
C GLN A 178 30.55 6.35 14.42
N THR A 179 29.38 6.97 14.64
CA THR A 179 28.17 6.23 14.96
C THR A 179 27.16 6.14 13.83
N THR A 180 27.21 7.03 12.86
CA THR A 180 26.11 7.23 11.92
C THR A 180 26.38 6.55 10.59
N TYR A 181 25.38 5.84 10.07
CA TYR A 181 25.37 5.30 8.72
C TYR A 181 24.44 6.15 7.87
N TYR A 182 24.90 6.52 6.68
CA TYR A 182 24.10 7.30 5.73
C TYR A 182 23.47 6.35 4.72
N VAL A 183 22.14 6.31 4.70
CA VAL A 183 21.39 5.51 3.74
C VAL A 183 21.04 6.41 2.57
N PHE A 184 21.78 6.26 1.46
CA PHE A 184 21.44 6.99 0.25
C PHE A 184 20.20 6.37 -0.38
N GLY A 185 19.26 7.21 -0.80
CA GLY A 185 17.98 6.74 -1.28
C GLY A 185 17.88 6.47 -2.77
N SER A 186 18.93 6.78 -3.53
CA SER A 186 18.94 6.57 -4.97
C SER A 186 20.35 6.14 -5.39
N VAL A 187 20.50 5.85 -6.68
CA VAL A 187 21.77 5.38 -7.23
C VAL A 187 22.69 6.58 -7.48
N VAL A 188 22.83 7.44 -6.48
CA VAL A 188 23.66 8.64 -6.60
C VAL A 188 24.70 8.64 -5.48
N GLY A 189 25.43 9.74 -5.36
CA GLY A 189 26.44 9.84 -4.34
C GLY A 189 27.72 9.16 -4.77
N PRO A 190 28.69 9.06 -3.86
CA PRO A 190 29.97 8.47 -4.19
C PRO A 190 29.93 6.95 -4.17
N HIS A 191 30.86 6.35 -4.90
CA HIS A 191 31.06 4.91 -4.81
C HIS A 191 31.31 4.51 -3.36
N PRO A 192 30.73 3.41 -2.89
CA PRO A 192 29.96 2.40 -3.61
C PRO A 192 28.44 2.57 -3.54
N TYR A 193 27.91 3.75 -3.28
CA TYR A 193 26.45 3.87 -3.12
C TYR A 193 25.70 3.59 -4.42
N PRO A 194 26.12 4.11 -5.58
CA PRO A 194 25.38 3.78 -6.81
C PRO A 194 25.28 2.29 -7.10
N ILE A 195 26.36 1.53 -6.88
CA ILE A 195 26.33 0.11 -7.16
C ILE A 195 25.54 -0.65 -6.07
N ILE A 196 25.62 -0.18 -4.82
CA ILE A 196 24.88 -0.84 -3.74
C ILE A 196 23.38 -0.71 -3.97
N VAL A 197 22.91 0.53 -4.22
CA VAL A 197 21.48 0.75 -4.38
C VAL A 197 20.96 0.00 -5.61
N ARG A 198 21.74 -0.02 -6.69
CA ARG A 198 21.29 -0.70 -7.90
C ARG A 198 21.15 -2.20 -7.66
N ASN A 199 22.09 -2.79 -6.93
CA ASN A 199 22.04 -4.24 -6.70
C ASN A 199 20.90 -4.62 -5.77
N PHE A 200 20.47 -3.71 -4.90
CA PHE A 200 19.32 -3.97 -4.04
C PHE A 200 18.01 -3.76 -4.78
N GLN A 201 18.02 -3.06 -5.92
CA GLN A 201 16.81 -2.79 -6.67
C GLN A 201 16.64 -3.68 -7.89
N LYS A 202 17.70 -4.36 -8.33
CA LYS A 202 17.61 -5.15 -9.55
C LYS A 202 16.70 -6.37 -9.40
N VAL A 203 16.31 -6.70 -8.16
CA VAL A 203 15.28 -7.73 -7.97
C VAL A 203 14.02 -7.36 -8.73
N ILE A 204 13.74 -6.07 -8.90
CA ILE A 204 12.59 -5.65 -9.71
C ILE A 204 12.71 -6.17 -11.13
N GLY A 205 13.85 -5.91 -11.77
CA GLY A 205 14.05 -6.37 -13.14
C GLY A 205 14.19 -7.87 -13.25
N GLU A 206 14.74 -8.52 -12.22
CA GLU A 206 14.90 -9.96 -12.26
C GLU A 206 13.57 -10.68 -12.16
N GLU A 207 12.67 -10.20 -11.29
CA GLU A 207 11.32 -10.75 -11.25
C GLU A 207 10.60 -10.50 -12.57
N THR A 208 10.77 -9.31 -13.14
CA THR A 208 10.10 -8.97 -14.39
C THR A 208 10.58 -9.85 -15.53
N LYS A 209 11.87 -10.19 -15.56
CA LYS A 209 12.40 -11.01 -16.65
C LYS A 209 11.79 -12.41 -16.63
N LYS A 210 11.47 -12.94 -15.46
CA LYS A 210 10.85 -14.26 -15.35
C LYS A 210 9.33 -14.21 -15.51
N GLN A 211 8.70 -13.06 -15.25
CA GLN A 211 7.25 -12.96 -15.28
C GLN A 211 6.71 -12.68 -16.68
N ILE A 212 7.42 -11.91 -17.49
CA ILE A 212 6.92 -11.51 -18.81
C ILE A 212 6.83 -12.70 -19.77
N PRO A 213 7.71 -13.71 -19.75
CA PRO A 213 7.50 -14.84 -20.68
C PRO A 213 6.30 -15.69 -20.32
N GLU A 214 5.95 -15.78 -19.03
CA GLU A 214 4.77 -16.53 -18.63
C GLU A 214 3.49 -15.90 -19.15
N LYS A 215 3.52 -14.61 -19.50
CA LYS A 215 2.34 -13.91 -19.97
C LYS A 215 2.34 -13.63 -21.46
N GLU A 216 3.50 -13.54 -22.09
CA GLU A 216 3.58 -13.25 -23.52
C GLU A 216 4.50 -14.19 -24.31
N GLY A 217 5.24 -15.07 -23.65
CA GLY A 217 6.09 -16.01 -24.36
C GLY A 217 7.33 -15.44 -24.98
N ARG A 218 7.64 -14.16 -24.71
CA ARG A 218 8.83 -13.52 -25.25
C ARG A 218 9.14 -12.30 -24.39
N LEU A 219 10.27 -11.65 -24.71
CA LEU A 219 10.64 -10.43 -24.00
C LEU A 219 9.84 -9.25 -24.52
N PRO A 220 9.55 -8.27 -23.67
CA PRO A 220 8.72 -7.13 -24.10
C PRO A 220 9.43 -6.28 -25.13
N ASP A 221 8.63 -5.49 -25.85
CA ASP A 221 9.20 -4.55 -26.81
C ASP A 221 9.75 -3.30 -26.12
N TYR A 222 9.10 -2.85 -25.04
CA TYR A 222 9.50 -1.64 -24.33
C TYR A 222 9.45 -1.88 -22.84
N ILE A 223 10.37 -1.24 -22.12
CA ILE A 223 10.28 -1.09 -20.68
C ILE A 223 10.49 0.38 -20.36
N VAL A 224 9.55 0.98 -19.63
CA VAL A 224 9.54 2.41 -19.37
C VAL A 224 9.57 2.64 -17.86
N ALA A 225 10.43 3.54 -17.41
CA ALA A 225 10.52 3.89 -16.00
C ALA A 225 10.91 5.35 -15.87
N CYS A 226 10.45 5.98 -14.80
CA CYS A 226 10.83 7.37 -14.54
C CYS A 226 12.24 7.43 -13.96
N VAL A 227 12.95 8.51 -14.29
CA VAL A 227 14.34 8.68 -13.90
C VAL A 227 14.52 10.10 -13.36
N SER A 228 14.94 10.20 -12.10
CA SER A 228 15.55 11.42 -11.59
C SER A 228 16.93 11.06 -11.05
N GLY A 229 16.97 10.53 -9.82
CA GLY A 229 18.16 9.81 -9.40
C GLY A 229 18.36 8.54 -10.21
N GLY A 230 17.30 7.75 -10.35
CA GLY A 230 17.28 6.60 -11.23
C GLY A 230 17.31 5.22 -10.58
N SER A 231 16.93 5.10 -9.30
CA SER A 231 17.07 3.81 -8.63
C SER A 231 16.01 2.81 -9.09
N ASN A 232 14.76 3.25 -9.24
CA ASN A 232 13.74 2.31 -9.70
C ASN A 232 13.96 1.93 -11.16
N ALA A 233 14.49 2.83 -11.97
CA ALA A 233 14.75 2.53 -13.37
C ALA A 233 15.95 1.59 -13.51
N ALA A 234 17.02 1.84 -12.77
CA ALA A 234 18.18 0.94 -12.82
C ALA A 234 17.81 -0.46 -12.35
N GLY A 235 16.89 -0.56 -11.38
CA GLY A 235 16.50 -1.87 -10.89
C GLY A 235 15.79 -2.70 -11.95
N ILE A 236 14.98 -2.06 -12.79
CA ILE A 236 14.27 -2.80 -13.83
C ILE A 236 15.05 -2.85 -15.13
N PHE A 237 15.95 -1.89 -15.38
CA PHE A 237 16.70 -1.89 -16.63
C PHE A 237 17.86 -2.87 -16.60
N TYR A 238 18.52 -3.01 -15.45
CA TYR A 238 19.82 -3.68 -15.40
C TYR A 238 19.78 -5.10 -15.97
N PRO A 239 18.86 -5.99 -15.59
CA PRO A 239 18.86 -7.33 -16.17
C PRO A 239 18.54 -7.37 -17.66
N PHE A 240 18.04 -6.28 -18.24
CA PHE A 240 17.69 -6.23 -19.65
C PHE A 240 18.70 -5.50 -20.50
N ILE A 241 19.83 -5.07 -19.92
CA ILE A 241 20.84 -4.35 -20.68
C ILE A 241 21.36 -5.25 -21.80
N ASP A 242 21.40 -4.72 -23.02
CA ASP A 242 21.88 -5.43 -24.20
C ASP A 242 21.06 -6.69 -24.49
N SER A 243 19.75 -6.62 -24.24
CA SER A 243 18.86 -7.74 -24.50
C SER A 243 18.02 -7.54 -25.76
N GLY A 244 18.06 -6.37 -26.38
CA GLY A 244 17.21 -6.05 -27.50
C GLY A 244 15.94 -5.31 -27.12
N VAL A 245 15.51 -5.37 -25.86
CA VAL A 245 14.36 -4.61 -25.42
C VAL A 245 14.70 -3.13 -25.40
N LYS A 246 13.78 -2.31 -25.91
CA LYS A 246 13.95 -0.86 -25.89
C LYS A 246 13.69 -0.35 -24.49
N LEU A 247 14.73 0.11 -23.81
CA LEU A 247 14.63 0.64 -22.46
C LEU A 247 14.54 2.15 -22.52
N ILE A 248 13.52 2.72 -21.88
CA ILE A 248 13.22 4.14 -21.98
C ILE A 248 13.15 4.73 -20.57
N GLY A 249 14.03 5.68 -20.28
CA GLY A 249 13.99 6.41 -19.02
C GLY A 249 13.40 7.79 -19.25
N VAL A 250 12.45 8.15 -18.39
CA VAL A 250 11.67 9.38 -18.54
C VAL A 250 12.06 10.33 -17.42
N GLU A 251 12.59 11.50 -17.78
CA GLU A 251 12.97 12.52 -16.82
C GLU A 251 11.82 13.50 -16.61
N ALA A 252 11.97 14.34 -15.58
CA ALA A 252 10.95 15.32 -15.23
C ALA A 252 11.15 16.57 -16.08
N GLY A 253 10.19 16.83 -16.98
CA GLY A 253 10.27 18.02 -17.81
C GLY A 253 9.72 19.29 -17.18
N GLY A 254 9.12 19.19 -16.00
CA GLY A 254 8.65 20.37 -15.30
C GLY A 254 7.61 21.12 -16.12
N GLU A 255 7.76 22.44 -16.18
CA GLU A 255 6.92 23.26 -17.04
C GLU A 255 7.36 23.22 -18.49
N GLY A 256 8.51 22.62 -18.78
CA GLY A 256 9.06 22.56 -20.12
C GLY A 256 10.57 22.57 -20.11
N LEU A 257 11.19 21.82 -21.03
CA LEU A 257 12.63 21.72 -21.06
C LEU A 257 13.30 23.04 -21.42
N GLU A 258 12.55 24.00 -21.98
CA GLU A 258 13.09 25.28 -22.39
C GLU A 258 12.60 26.42 -21.50
N THR A 259 12.02 26.12 -20.35
CA THR A 259 11.52 27.12 -19.42
C THR A 259 12.45 27.38 -18.24
N GLY A 260 13.48 26.57 -18.07
CA GLY A 260 14.32 26.68 -16.89
C GLY A 260 13.72 26.12 -15.63
N LYS A 261 12.56 25.46 -15.71
CA LYS A 261 11.89 24.87 -14.55
C LYS A 261 11.64 23.40 -14.85
N HIS A 262 12.64 22.57 -14.57
CA HIS A 262 12.55 21.14 -14.82
C HIS A 262 13.63 20.45 -13.97
N ALA A 263 13.75 19.14 -14.15
CA ALA A 263 14.76 18.37 -13.45
C ALA A 263 15.43 17.36 -14.37
N ALA A 264 15.51 17.68 -15.67
CA ALA A 264 16.01 16.74 -16.67
C ALA A 264 17.52 16.85 -16.76
N SER A 265 18.20 16.18 -15.82
CA SER A 265 19.65 16.29 -15.72
C SER A 265 20.34 15.70 -16.95
N LEU A 266 19.88 14.55 -17.44
CA LEU A 266 20.54 13.93 -18.57
C LEU A 266 20.34 14.73 -19.85
N LEU A 267 19.15 15.33 -20.03
CA LEU A 267 18.84 15.97 -21.29
C LEU A 267 19.33 17.41 -21.35
N LYS A 268 19.37 18.11 -20.21
CA LYS A 268 19.71 19.52 -20.18
C LYS A 268 20.93 19.85 -19.33
N GLY A 269 21.44 18.92 -18.54
CA GLY A 269 22.58 19.19 -17.69
C GLY A 269 23.90 19.05 -18.43
N LYS A 270 24.98 19.28 -17.68
CA LYS A 270 26.33 19.13 -18.18
C LYS A 270 27.14 18.30 -17.19
N ILE A 271 28.30 17.83 -17.64
CA ILE A 271 29.17 17.05 -16.77
C ILE A 271 29.56 17.90 -15.56
N GLY A 272 29.54 17.28 -14.39
CA GLY A 272 29.81 18.01 -13.16
C GLY A 272 29.95 17.06 -12.00
N TYR A 273 30.04 17.64 -10.81
CA TYR A 273 30.22 16.88 -9.58
C TYR A 273 29.14 17.29 -8.59
N LEU A 274 28.37 16.31 -8.10
CA LEU A 274 27.30 16.58 -7.15
C LEU A 274 27.28 15.46 -6.13
N HIS A 275 27.44 15.83 -4.85
CA HIS A 275 27.34 14.90 -3.73
C HIS A 275 28.25 13.69 -3.90
N GLY A 276 29.42 13.92 -4.47
CA GLY A 276 30.44 12.90 -4.55
C GLY A 276 30.51 12.12 -5.84
N SER A 277 29.67 12.45 -6.83
CA SER A 277 29.60 11.69 -8.07
C SER A 277 29.82 12.59 -9.27
N LYS A 278 30.63 12.10 -10.22
CA LYS A 278 30.83 12.77 -11.50
C LYS A 278 29.74 12.28 -12.44
N THR A 279 28.82 13.17 -12.79
CA THR A 279 27.66 12.79 -13.59
C THR A 279 27.09 14.04 -14.23
N PHE A 280 25.89 13.91 -14.81
CA PHE A 280 25.23 15.05 -15.44
C PHE A 280 24.44 15.81 -14.38
N VAL A 281 24.68 17.13 -14.31
CA VAL A 281 24.14 18.00 -13.28
C VAL A 281 23.59 19.25 -13.95
N LEU A 282 22.40 19.67 -13.53
CA LEU A 282 21.86 20.94 -13.99
C LEU A 282 22.73 22.08 -13.47
N GLN A 283 23.41 22.78 -14.38
CA GLN A 283 24.31 23.86 -14.01
C GLN A 283 24.04 25.08 -14.89
N ASP A 284 24.49 26.24 -14.41
CA ASP A 284 24.44 27.46 -15.20
C ASP A 284 25.71 27.55 -16.04
N ASP A 285 25.92 28.69 -16.70
CA ASP A 285 27.09 28.85 -17.54
C ASP A 285 28.39 28.92 -16.74
N TRP A 286 28.31 29.20 -15.44
CA TRP A 286 29.48 29.32 -14.59
C TRP A 286 29.75 28.06 -13.77
N GLY A 287 29.09 26.95 -14.09
CA GLY A 287 29.33 25.70 -13.41
C GLY A 287 28.69 25.56 -12.05
N GLN A 288 27.78 26.46 -11.67
CA GLN A 288 27.09 26.37 -10.41
C GLN A 288 25.77 25.61 -10.57
N VAL A 289 25.51 24.69 -9.63
CA VAL A 289 24.33 23.85 -9.72
C VAL A 289 23.06 24.69 -9.64
N GLN A 290 22.10 24.39 -10.51
CA GLN A 290 20.85 25.13 -10.56
C GLN A 290 19.79 24.45 -9.68
N VAL A 291 18.74 25.21 -9.40
CA VAL A 291 17.60 24.69 -8.65
C VAL A 291 16.68 23.95 -9.63
N SER A 292 16.36 22.70 -9.31
CA SER A 292 15.45 21.93 -10.14
C SER A 292 14.00 22.21 -9.74
N HIS A 293 13.07 21.80 -10.61
CA HIS A 293 11.66 22.00 -10.38
C HIS A 293 10.88 20.84 -10.99
N SER A 294 9.86 20.37 -10.28
CA SER A 294 8.98 19.33 -10.78
C SER A 294 7.73 19.30 -9.92
N VAL A 295 6.60 18.98 -10.55
CA VAL A 295 5.36 18.80 -9.80
C VAL A 295 5.52 17.65 -8.80
N SER A 296 6.42 16.71 -9.07
CA SER A 296 6.69 15.58 -8.18
C SER A 296 7.93 15.88 -7.36
N ALA A 297 7.77 15.88 -6.03
CA ALA A 297 8.89 16.14 -5.15
C ALA A 297 9.96 15.04 -5.21
N GLY A 298 9.58 13.84 -5.64
CA GLY A 298 10.55 12.75 -5.72
C GLY A 298 11.50 12.88 -6.90
N LEU A 299 11.10 13.60 -7.94
CA LEU A 299 11.95 13.84 -9.09
C LEU A 299 12.66 15.18 -9.04
N ASP A 300 12.49 15.93 -7.95
CA ASP A 300 13.02 17.28 -7.81
C ASP A 300 14.49 17.21 -7.34
N TYR A 301 15.36 16.85 -8.27
CA TYR A 301 16.78 16.68 -7.97
C TYR A 301 17.60 17.11 -9.18
N SER A 302 18.69 17.82 -8.91
CA SER A 302 19.50 18.40 -9.98
C SER A 302 20.46 17.41 -10.61
N GLY A 303 20.64 16.22 -10.03
CA GLY A 303 21.57 15.24 -10.54
C GLY A 303 20.88 13.98 -11.04
N VAL A 304 21.70 13.08 -11.57
CA VAL A 304 21.26 11.77 -12.03
C VAL A 304 22.36 10.77 -11.72
N GLY A 305 21.97 9.52 -11.51
CA GLY A 305 22.91 8.46 -11.22
C GLY A 305 23.92 8.28 -12.35
N PRO A 306 25.19 8.07 -11.98
CA PRO A 306 26.23 7.92 -13.02
C PRO A 306 26.00 6.74 -13.94
N GLU A 307 25.36 5.67 -13.47
CA GLU A 307 25.11 4.53 -14.36
C GLU A 307 24.18 4.91 -15.50
N HIS A 308 23.21 5.79 -15.23
CA HIS A 308 22.32 6.25 -16.30
C HIS A 308 23.07 7.14 -17.29
N ALA A 309 23.99 7.97 -16.80
CA ALA A 309 24.82 8.76 -17.71
C ALA A 309 25.63 7.85 -18.61
N TYR A 310 26.15 6.75 -18.06
CA TYR A 310 26.88 5.79 -18.87
C TYR A 310 25.96 5.09 -19.87
N TRP A 311 24.75 4.71 -19.42
CA TRP A 311 23.81 4.03 -20.32
C TRP A 311 23.35 4.94 -21.44
N ARG A 312 23.19 6.24 -21.16
CA ARG A 312 22.82 7.16 -22.22
C ARG A 312 23.94 7.33 -23.23
N GLU A 313 25.18 7.45 -22.75
CA GLU A 313 26.31 7.71 -23.64
C GLU A 313 26.54 6.55 -24.60
N THR A 314 26.41 5.32 -24.10
CA THR A 314 26.58 4.13 -24.91
C THR A 314 25.30 3.72 -25.64
N GLY A 315 24.19 4.40 -25.40
CA GLY A 315 22.96 4.09 -26.11
C GLY A 315 22.27 2.81 -25.68
N LYS A 316 22.59 2.30 -24.49
CA LYS A 316 21.93 1.10 -23.99
C LYS A 316 20.55 1.40 -23.40
N VAL A 317 20.28 2.65 -23.02
CA VAL A 317 18.96 3.11 -22.60
C VAL A 317 18.69 4.43 -23.31
N LEU A 318 17.45 4.61 -23.77
CA LEU A 318 17.02 5.86 -24.36
C LEU A 318 16.35 6.73 -23.30
N TYR A 319 16.61 8.03 -23.35
CA TYR A 319 16.11 8.95 -22.34
C TYR A 319 15.32 10.07 -22.98
N ASP A 320 14.22 10.45 -22.33
CA ASP A 320 13.35 11.53 -22.77
C ASP A 320 12.68 12.12 -21.54
N ALA A 321 11.80 13.09 -21.76
CA ALA A 321 11.14 13.76 -20.66
C ALA A 321 9.67 14.01 -21.01
N VAL A 322 8.86 14.16 -19.96
CA VAL A 322 7.48 14.58 -20.08
C VAL A 322 7.26 15.73 -19.10
N THR A 323 6.27 16.56 -19.40
CA THR A 323 6.02 17.75 -18.61
C THR A 323 5.17 17.42 -17.38
N ASP A 324 5.07 18.41 -16.48
CA ASP A 324 4.18 18.28 -15.33
C ASP A 324 2.75 18.00 -15.77
N GLU A 325 2.27 18.71 -16.78
CA GLU A 325 0.88 18.54 -17.21
C GLU A 325 0.65 17.15 -17.78
N GLU A 326 1.61 16.63 -18.53
CA GLU A 326 1.47 15.28 -19.09
C GLU A 326 1.46 14.23 -17.98
N ALA A 327 2.32 14.41 -16.96
CA ALA A 327 2.33 13.49 -15.83
C ALA A 327 1.02 13.58 -15.05
N LEU A 328 0.46 14.79 -14.94
CA LEU A 328 -0.82 14.94 -14.23
C LEU A 328 -1.94 14.23 -14.96
N ASP A 329 -1.92 14.27 -16.31
CA ASP A 329 -2.93 13.57 -17.09
C ASP A 329 -2.85 12.06 -16.88
N ALA A 330 -1.62 11.51 -16.90
CA ALA A 330 -1.46 10.07 -16.75
C ALA A 330 -1.85 9.63 -15.34
N PHE A 331 -1.56 10.46 -14.33
CA PHE A 331 -2.02 10.21 -12.97
C PHE A 331 -3.53 10.03 -12.94
N ILE A 332 -4.26 10.97 -13.53
CA ILE A 332 -5.72 10.87 -13.56
C ILE A 332 -6.16 9.71 -14.44
N GLU A 333 -5.45 9.48 -15.55
CA GLU A 333 -5.83 8.44 -16.49
C GLU A 333 -5.82 7.06 -15.85
N LEU A 334 -4.70 6.69 -15.22
CA LEU A 334 -4.60 5.36 -14.62
C LEU A 334 -5.58 5.19 -13.46
N SER A 335 -5.82 6.25 -12.70
CA SER A 335 -6.79 6.18 -11.61
C SER A 335 -8.17 5.78 -12.11
N ARG A 336 -8.60 6.36 -13.24
CA ARG A 336 -9.94 6.10 -13.74
C ARG A 336 -10.02 4.82 -14.59
N LEU A 337 -8.92 4.44 -15.24
CA LEU A 337 -8.94 3.29 -16.14
C LEU A 337 -8.63 1.97 -15.45
N GLU A 338 -7.83 1.99 -14.38
CA GLU A 338 -7.43 0.76 -13.72
C GLU A 338 -7.71 0.77 -12.22
N GLY A 339 -8.24 1.84 -11.66
CA GLY A 339 -8.42 1.90 -10.23
C GLY A 339 -7.13 1.91 -9.44
N ILE A 340 -6.04 2.36 -10.05
CA ILE A 340 -4.72 2.42 -9.40
C ILE A 340 -4.29 3.88 -9.38
N ILE A 341 -4.06 4.41 -8.19
CA ILE A 341 -3.58 5.78 -8.05
C ILE A 341 -2.06 5.75 -8.01
N PRO A 342 -1.39 6.08 -9.12
CA PRO A 342 0.06 5.93 -9.18
C PRO A 342 0.77 7.13 -8.56
N ALA A 343 2.00 6.88 -8.12
CA ALA A 343 2.84 7.98 -7.67
C ALA A 343 3.07 8.95 -8.82
N LEU A 344 3.16 10.25 -8.49
CA LEU A 344 3.43 11.26 -9.50
C LEU A 344 4.77 11.01 -10.20
N GLU A 345 5.72 10.39 -9.49
CA GLU A 345 6.97 9.99 -10.12
C GLU A 345 6.72 9.00 -11.24
N SER A 346 6.03 7.90 -10.92
CA SER A 346 5.73 6.88 -11.93
C SER A 346 4.82 7.39 -13.03
N SER A 347 4.02 8.43 -12.74
CA SER A 347 3.11 8.97 -13.75
C SER A 347 3.87 9.57 -14.93
N HIS A 348 5.15 9.90 -14.76
CA HIS A 348 5.94 10.36 -15.89
C HIS A 348 6.17 9.23 -16.89
N ALA A 349 6.46 8.02 -16.39
CA ALA A 349 6.60 6.88 -17.29
C ALA A 349 5.28 6.54 -17.97
N LEU A 350 4.18 6.58 -17.22
CA LEU A 350 2.87 6.30 -17.82
C LEU A 350 2.54 7.31 -18.91
N ALA A 351 2.90 8.58 -18.69
CA ALA A 351 2.64 9.61 -19.69
C ALA A 351 3.37 9.34 -21.00
N TYR A 352 4.49 8.60 -20.94
CA TYR A 352 5.27 8.36 -22.15
C TYR A 352 4.62 7.34 -23.07
N LEU A 353 3.58 6.65 -22.62
CA LEU A 353 2.85 5.74 -23.52
C LEU A 353 2.28 6.48 -24.72
N LYS A 354 1.97 7.77 -24.54
CA LYS A 354 1.48 8.60 -25.64
C LYS A 354 2.58 9.04 -26.59
N LYS A 355 3.85 8.86 -26.22
CA LYS A 355 4.96 9.36 -27.02
C LYS A 355 5.63 8.29 -27.88
N ILE A 356 5.25 7.03 -27.70
CA ILE A 356 5.86 5.92 -28.44
C ILE A 356 4.80 5.23 -29.29
N ASN A 357 5.25 4.67 -30.41
CA ASN A 357 4.39 3.95 -31.35
C ASN A 357 4.25 2.51 -30.86
N ILE A 358 3.24 2.26 -30.03
CA ILE A 358 3.08 0.96 -29.40
C ILE A 358 1.84 0.23 -29.89
N LYS A 359 1.23 0.67 -30.99
CA LYS A 359 0.10 -0.08 -31.52
C LYS A 359 0.53 -1.52 -31.80
N GLY A 360 0.11 -2.44 -30.94
CA GLY A 360 0.45 -3.84 -31.09
C GLY A 360 1.71 -4.30 -30.37
N LYS A 361 2.31 -3.47 -29.52
CA LYS A 361 3.54 -3.80 -28.84
C LYS A 361 3.29 -4.25 -27.41
N VAL A 362 4.27 -4.95 -26.85
CA VAL A 362 4.25 -5.36 -25.45
C VAL A 362 5.10 -4.36 -24.66
N VAL A 363 4.47 -3.64 -23.74
CA VAL A 363 5.10 -2.56 -22.99
C VAL A 363 4.98 -2.85 -21.51
N VAL A 364 6.11 -2.78 -20.81
CA VAL A 364 6.14 -2.91 -19.35
C VAL A 364 6.46 -1.54 -18.77
N VAL A 365 5.60 -1.06 -17.88
CA VAL A 365 5.82 0.20 -17.16
C VAL A 365 6.14 -0.13 -15.72
N ASN A 366 7.18 0.50 -15.18
CA ASN A 366 7.54 0.32 -13.78
C ASN A 366 6.69 1.26 -12.93
N LEU A 367 5.71 0.69 -12.21
CA LEU A 367 4.85 1.46 -11.32
C LEU A 367 5.56 1.53 -9.97
N SER A 368 6.43 2.53 -9.81
CA SER A 368 7.37 2.56 -8.71
C SER A 368 6.73 2.88 -7.36
N GLY A 369 5.49 3.37 -7.34
CA GLY A 369 4.83 3.67 -6.07
C GLY A 369 3.40 4.09 -6.28
N ARG A 370 2.69 4.22 -5.16
CA ARG A 370 1.31 4.67 -5.18
C ARG A 370 1.24 6.16 -4.87
N GLY A 371 0.15 6.79 -5.32
CA GLY A 371 0.06 8.24 -5.29
C GLY A 371 -0.76 8.85 -4.19
N ASP A 372 -0.95 8.12 -3.08
CA ASP A 372 -1.70 8.67 -1.95
C ASP A 372 -1.06 9.96 -1.44
N LYS A 373 0.27 10.02 -1.44
CA LYS A 373 0.98 11.21 -0.98
C LYS A 373 0.79 12.40 -1.89
N ASP A 374 0.39 12.18 -3.14
CA ASP A 374 0.31 13.23 -4.15
C ASP A 374 -1.10 13.74 -4.37
N LEU A 375 -2.07 13.21 -3.64
CA LEU A 375 -3.48 13.53 -3.88
C LEU A 375 -3.74 15.03 -3.78
N GLU A 376 -3.26 15.65 -2.70
CA GLU A 376 -3.50 17.07 -2.51
C GLU A 376 -2.76 17.92 -3.55
N SER A 377 -1.51 17.55 -3.85
CA SER A 377 -0.75 18.31 -4.84
C SER A 377 -1.40 18.24 -6.21
N VAL A 378 -1.97 17.08 -6.56
CA VAL A 378 -2.60 16.94 -7.87
C VAL A 378 -3.88 17.76 -7.94
N LEU A 379 -4.76 17.61 -6.93
CA LEU A 379 -6.05 18.28 -6.98
C LEU A 379 -5.92 19.79 -6.85
N ASN A 380 -4.91 20.28 -6.14
CA ASN A 380 -4.70 21.71 -5.98
C ASN A 380 -3.91 22.33 -7.13
N HIS A 381 -3.36 21.52 -8.04
CA HIS A 381 -2.59 22.07 -9.14
C HIS A 381 -3.50 22.88 -10.08
N PRO A 382 -3.04 24.03 -10.55
CA PRO A 382 -3.91 24.86 -11.42
C PRO A 382 -4.34 24.15 -12.69
N TYR A 383 -3.49 23.30 -13.27
CA TYR A 383 -3.87 22.59 -14.49
C TYR A 383 -5.01 21.61 -14.23
N VAL A 384 -4.96 20.90 -13.11
CA VAL A 384 -6.03 19.97 -12.78
C VAL A 384 -7.29 20.71 -12.36
N ARG A 385 -7.13 21.82 -11.63
CA ARG A 385 -8.29 22.60 -11.22
C ARG A 385 -9.03 23.15 -12.43
N GLU A 386 -8.30 23.55 -13.47
CA GLU A 386 -8.95 24.02 -14.69
C GLU A 386 -9.60 22.86 -15.45
N ARG A 387 -8.96 21.69 -15.43
CA ARG A 387 -9.58 20.50 -16.01
C ARG A 387 -10.86 20.14 -15.26
N ILE A 388 -10.82 20.22 -13.93
CA ILE A 388 -12.01 19.93 -13.12
C ILE A 388 -13.14 20.88 -13.49
N ARG A 389 -12.81 22.12 -13.81
CA ARG A 389 -13.81 23.09 -14.26
C ARG A 389 -14.37 22.77 -15.64
N LEU A 390 -14.01 21.63 -16.23
CA LEU A 390 -14.51 21.19 -17.54
C LEU A 390 -14.27 22.24 -18.61
N LYS B 2 -31.91 -22.71 4.50
CA LYS B 2 -31.31 -21.92 3.42
C LYS B 2 -31.24 -20.46 3.82
N GLY B 3 -30.05 -19.87 3.71
CA GLY B 3 -29.85 -18.50 4.14
C GLY B 3 -29.69 -18.32 5.62
N TYR B 4 -29.60 -19.41 6.38
CA TYR B 4 -29.51 -19.35 7.84
C TYR B 4 -28.25 -20.08 8.29
N PHE B 5 -27.52 -19.47 9.21
CA PHE B 5 -26.42 -20.12 9.93
C PHE B 5 -27.01 -20.56 11.26
N GLY B 6 -27.51 -21.79 11.31
CA GLY B 6 -28.32 -22.24 12.41
C GLY B 6 -29.59 -21.42 12.48
N PRO B 7 -29.82 -20.75 13.60
CA PRO B 7 -30.99 -19.88 13.73
C PRO B 7 -30.81 -18.44 13.28
N TYR B 8 -29.61 -18.06 12.84
CA TYR B 8 -29.30 -16.67 12.53
C TYR B 8 -29.24 -16.46 11.01
N GLY B 9 -29.53 -15.23 10.59
CA GLY B 9 -29.49 -14.89 9.19
C GLY B 9 -30.84 -14.59 8.60
N GLY B 10 -31.13 -15.16 7.42
CA GLY B 10 -32.43 -15.00 6.81
C GLY B 10 -32.51 -13.84 5.85
N GLN B 11 -33.74 -13.51 5.47
CA GLN B 11 -34.03 -12.42 4.56
C GLN B 11 -35.19 -11.58 5.11
N TYR B 12 -34.99 -11.00 6.29
CA TYR B 12 -36.04 -10.22 6.95
C TYR B 12 -36.06 -8.82 6.34
N VAL B 13 -36.61 -8.73 5.14
CA VAL B 13 -36.56 -7.51 4.34
C VAL B 13 -37.98 -7.17 3.89
N PRO B 14 -38.20 -5.92 3.48
CA PRO B 14 -39.49 -5.58 2.84
C PRO B 14 -39.64 -6.32 1.53
N GLU B 15 -40.90 -6.40 1.07
CA GLU B 15 -41.20 -7.15 -0.14
C GLU B 15 -40.63 -6.48 -1.39
N ILE B 16 -40.45 -5.16 -1.35
CA ILE B 16 -39.90 -4.45 -2.50
C ILE B 16 -38.45 -4.86 -2.78
N LEU B 17 -37.78 -5.49 -1.83
CA LEU B 17 -36.38 -5.89 -1.97
C LEU B 17 -36.21 -7.35 -2.35
N MET B 18 -37.28 -8.15 -2.31
CA MET B 18 -37.13 -9.59 -2.55
C MET B 18 -36.80 -9.90 -4.01
N GLY B 19 -37.24 -9.06 -4.94
CA GLY B 19 -36.95 -9.30 -6.34
C GLY B 19 -35.46 -9.24 -6.64
N ALA B 20 -34.76 -8.30 -6.02
CA ALA B 20 -33.32 -8.21 -6.22
C ALA B 20 -32.59 -9.35 -5.54
N LEU B 21 -33.05 -9.76 -4.34
CA LEU B 21 -32.35 -10.80 -3.60
C LEU B 21 -32.49 -12.15 -4.29
N GLU B 22 -33.66 -12.44 -4.88
CA GLU B 22 -33.84 -13.71 -5.57
C GLU B 22 -33.00 -13.76 -6.85
N GLU B 23 -32.92 -12.65 -7.58
CA GLU B 23 -32.08 -12.59 -8.77
C GLU B 23 -30.61 -12.82 -8.40
N LEU B 24 -30.13 -12.14 -7.35
CA LEU B 24 -28.75 -12.30 -6.92
C LEU B 24 -28.49 -13.71 -6.41
N GLU B 25 -29.44 -14.27 -5.65
CA GLU B 25 -29.27 -15.62 -5.12
C GLU B 25 -29.20 -16.65 -6.24
N ALA B 26 -29.96 -16.43 -7.32
CA ALA B 26 -29.93 -17.37 -8.44
C ALA B 26 -28.63 -17.25 -9.21
N ALA B 27 -28.20 -16.03 -9.50
CA ALA B 27 -26.97 -15.83 -10.25
C ALA B 27 -25.76 -16.36 -9.49
N TYR B 28 -25.76 -16.20 -8.17
CA TYR B 28 -24.63 -16.69 -7.37
C TYR B 28 -24.58 -18.22 -7.36
N GLU B 29 -25.74 -18.86 -7.30
CA GLU B 29 -25.78 -20.33 -7.31
C GLU B 29 -25.26 -20.88 -8.64
N GLY B 30 -25.49 -20.16 -9.73
CA GLY B 30 -25.05 -20.61 -11.05
C GLY B 30 -23.55 -20.49 -11.28
N ILE B 31 -22.80 -19.93 -10.34
CA ILE B 31 -21.36 -19.80 -10.46
C ILE B 31 -20.62 -20.50 -9.33
N MET B 32 -21.33 -21.24 -8.48
CA MET B 32 -20.68 -21.97 -7.40
C MET B 32 -19.78 -23.09 -7.91
N LYS B 33 -20.05 -23.60 -9.11
CA LYS B 33 -19.24 -24.66 -9.71
C LYS B 33 -18.73 -24.26 -11.08
N ASP B 34 -18.57 -22.96 -11.32
CA ASP B 34 -18.04 -22.43 -12.58
C ASP B 34 -16.56 -22.14 -12.37
N GLU B 35 -15.71 -23.05 -12.84
CA GLU B 35 -14.28 -22.88 -12.66
C GLU B 35 -13.76 -21.66 -13.40
N SER B 36 -14.42 -21.25 -14.48
CA SER B 36 -14.01 -20.05 -15.20
C SER B 36 -14.21 -18.80 -14.36
N PHE B 37 -15.23 -18.78 -13.49
CA PHE B 37 -15.45 -17.63 -12.63
C PHE B 37 -14.37 -17.52 -11.57
N TRP B 38 -14.13 -18.61 -10.82
CA TRP B 38 -13.20 -18.55 -9.70
C TRP B 38 -11.75 -18.46 -10.17
N LYS B 39 -11.44 -19.01 -11.34
CA LYS B 39 -10.11 -18.82 -11.91
C LYS B 39 -9.88 -17.36 -12.24
N GLU B 40 -10.84 -16.73 -12.92
CA GLU B 40 -10.75 -15.31 -13.20
C GLU B 40 -10.71 -14.49 -11.92
N PHE B 41 -11.42 -14.94 -10.88
CA PHE B 41 -11.39 -14.23 -9.61
C PHE B 41 -10.02 -14.34 -8.95
N ASN B 42 -9.44 -15.54 -8.95
CA ASN B 42 -8.15 -15.75 -8.31
C ASN B 42 -7.01 -15.14 -9.11
N ASP B 43 -7.17 -14.97 -10.42
CA ASP B 43 -6.16 -14.29 -11.22
C ASP B 43 -6.11 -12.80 -10.89
N LEU B 44 -7.27 -12.18 -10.72
CA LEU B 44 -7.30 -10.77 -10.35
C LEU B 44 -6.79 -10.57 -8.93
N LEU B 45 -7.09 -11.50 -8.03
CA LEU B 45 -6.57 -11.40 -6.67
C LEU B 45 -5.04 -11.42 -6.66
N ARG B 46 -4.44 -12.20 -7.54
CA ARG B 46 -2.98 -12.27 -7.62
C ARG B 46 -2.40 -11.05 -8.32
N ASP B 47 -2.83 -10.80 -9.55
CA ASP B 47 -2.17 -9.77 -10.37
C ASP B 47 -2.62 -8.36 -10.01
N TYR B 48 -3.85 -8.19 -9.53
CA TYR B 48 -4.37 -6.85 -9.23
C TYR B 48 -4.29 -6.53 -7.74
N ALA B 49 -4.75 -7.43 -6.88
CA ALA B 49 -4.74 -7.14 -5.44
C ALA B 49 -3.40 -7.41 -4.81
N GLY B 50 -2.61 -8.34 -5.35
CA GLY B 50 -1.33 -8.68 -4.80
C GLY B 50 -1.27 -9.96 -4.00
N ARG B 51 -2.23 -10.86 -4.16
CA ARG B 51 -2.23 -12.13 -3.44
C ARG B 51 -1.22 -13.09 -4.06
N PRO B 52 -0.69 -14.03 -3.27
CA PRO B 52 -0.96 -14.28 -1.84
C PRO B 52 -0.27 -13.27 -0.94
N THR B 53 -0.89 -12.95 0.19
CA THR B 53 -0.28 -12.02 1.13
C THR B 53 0.69 -12.78 2.03
N PRO B 54 1.80 -12.14 2.40
CA PRO B 54 2.81 -12.83 3.22
C PRO B 54 2.30 -13.15 4.62
N LEU B 55 2.89 -14.19 5.20
CA LEU B 55 2.71 -14.53 6.61
C LEU B 55 4.02 -14.19 7.31
N TYR B 56 4.08 -12.99 7.88
CA TYR B 56 5.32 -12.41 8.37
C TYR B 56 5.54 -12.75 9.84
N PHE B 57 6.74 -13.23 10.16
CA PHE B 57 7.10 -13.52 11.54
C PHE B 57 7.59 -12.25 12.21
N ALA B 58 6.84 -11.75 13.19
CA ALA B 58 7.18 -10.54 13.92
C ALA B 58 8.12 -10.91 15.06
N ARG B 59 9.42 -10.90 14.77
CA ARG B 59 10.40 -11.36 15.75
C ARG B 59 10.42 -10.47 16.99
N ARG B 60 10.43 -9.15 16.80
CA ARG B 60 10.46 -8.24 17.94
C ARG B 60 9.18 -8.31 18.76
N LEU B 61 8.05 -8.55 18.10
CA LEU B 61 6.79 -8.72 18.84
C LEU B 61 6.73 -10.09 19.52
N SER B 62 7.26 -11.13 18.86
CA SER B 62 7.26 -12.46 19.45
C SER B 62 8.15 -12.51 20.69
N GLU B 63 9.28 -11.79 20.66
CA GLU B 63 10.17 -11.76 21.81
C GLU B 63 9.58 -10.96 22.97
N LYS B 64 8.61 -10.09 22.71
CA LYS B 64 8.00 -9.29 23.77
C LYS B 64 7.07 -10.14 24.63
N TYR B 65 6.37 -11.10 24.02
CA TYR B 65 5.41 -11.94 24.73
C TYR B 65 5.88 -13.38 24.88
N GLY B 66 7.13 -13.67 24.52
CA GLY B 66 7.62 -15.03 24.60
C GLY B 66 6.88 -16.01 23.73
N ALA B 67 6.19 -15.54 22.69
CA ALA B 67 5.41 -16.37 21.80
C ALA B 67 6.09 -16.42 20.42
N ARG B 68 5.33 -16.89 19.43
CA ARG B 68 5.74 -16.87 18.02
C ARG B 68 4.58 -16.23 17.25
N VAL B 69 4.57 -14.89 17.25
CA VAL B 69 3.46 -14.13 16.68
C VAL B 69 3.70 -13.98 15.17
N TYR B 70 2.73 -14.44 14.38
CA TYR B 70 2.76 -14.29 12.93
C TYR B 70 1.63 -13.37 12.49
N LEU B 71 1.93 -12.48 11.55
CA LEU B 71 0.96 -11.51 11.05
C LEU B 71 0.61 -11.85 9.62
N LYS B 72 -0.67 -12.15 9.38
CA LYS B 72 -1.20 -12.29 8.03
C LYS B 72 -1.36 -10.90 7.44
N ARG B 73 -0.54 -10.57 6.43
CA ARG B 73 -0.33 -9.19 6.01
C ARG B 73 -1.35 -8.78 4.94
N GLU B 74 -2.60 -8.68 5.36
CA GLU B 74 -3.63 -8.13 4.46
C GLU B 74 -3.46 -6.64 4.24
N ASP B 75 -2.62 -5.97 5.03
CA ASP B 75 -2.32 -4.55 4.82
C ASP B 75 -1.54 -4.29 3.53
N LEU B 76 -0.97 -5.32 2.91
CA LEU B 76 -0.18 -5.17 1.70
C LEU B 76 -1.00 -5.30 0.43
N LEU B 77 -2.30 -5.54 0.54
CA LEU B 77 -3.15 -5.63 -0.63
C LEU B 77 -3.35 -4.25 -1.26
N HIS B 78 -3.67 -4.25 -2.55
CA HIS B 78 -4.11 -3.04 -3.21
C HIS B 78 -5.26 -2.42 -2.43
N THR B 79 -5.18 -1.09 -2.24
CA THR B 79 -6.04 -0.23 -1.43
C THR B 79 -5.70 -0.34 0.06
N GLY B 80 -4.91 -1.31 0.49
CA GLY B 80 -4.44 -1.36 1.86
C GLY B 80 -5.37 -2.04 2.86
N ALA B 81 -6.32 -2.84 2.40
CA ALA B 81 -7.23 -3.52 3.32
C ALA B 81 -7.80 -4.76 2.64
N HIS B 82 -8.30 -5.68 3.47
CA HIS B 82 -8.93 -6.91 2.99
C HIS B 82 -10.19 -6.65 2.18
N LYS B 83 -10.77 -5.46 2.27
CA LYS B 83 -12.03 -5.18 1.58
C LYS B 83 -11.94 -5.38 0.08
N ILE B 84 -10.74 -5.29 -0.50
CA ILE B 84 -10.61 -5.43 -1.94
C ILE B 84 -10.94 -6.84 -2.40
N ASN B 85 -10.74 -7.84 -1.53
CA ASN B 85 -11.08 -9.21 -1.90
C ASN B 85 -12.56 -9.33 -2.25
N ASN B 86 -13.43 -8.82 -1.36
CA ASN B 86 -14.86 -8.93 -1.59
C ASN B 86 -15.32 -8.00 -2.72
N ALA B 87 -14.76 -6.80 -2.80
CA ALA B 87 -15.17 -5.85 -3.82
C ALA B 87 -14.88 -6.38 -5.22
N ILE B 88 -13.71 -7.00 -5.42
CA ILE B 88 -13.39 -7.53 -6.73
C ILE B 88 -14.34 -8.66 -7.10
N GLY B 89 -14.60 -9.57 -6.15
CA GLY B 89 -15.46 -10.70 -6.45
C GLY B 89 -16.89 -10.29 -6.79
N GLN B 90 -17.45 -9.35 -6.02
CA GLN B 90 -18.84 -8.97 -6.26
C GLN B 90 -19.00 -8.19 -7.56
N VAL B 91 -18.01 -7.36 -7.91
CA VAL B 91 -18.10 -6.64 -9.17
C VAL B 91 -17.90 -7.59 -10.34
N LEU B 92 -17.05 -8.61 -10.17
CA LEU B 92 -16.97 -9.67 -11.18
C LEU B 92 -18.31 -10.40 -11.31
N LEU B 93 -18.97 -10.66 -10.19
CA LEU B 93 -20.31 -11.24 -10.24
C LEU B 93 -21.29 -10.31 -10.93
N ALA B 94 -21.18 -9.00 -10.67
CA ALA B 94 -22.03 -8.05 -11.38
C ALA B 94 -21.75 -8.06 -12.88
N LYS B 95 -20.49 -8.31 -13.26
CA LYS B 95 -20.16 -8.39 -14.68
C LYS B 95 -20.87 -9.56 -15.35
N LEU B 96 -20.87 -10.72 -14.71
CA LEU B 96 -21.56 -11.89 -15.27
C LEU B 96 -23.06 -11.68 -15.32
N MET B 97 -23.63 -10.94 -14.36
CA MET B 97 -25.06 -10.68 -14.33
C MET B 97 -25.50 -9.64 -15.34
N GLY B 98 -24.57 -9.02 -16.05
CA GLY B 98 -24.93 -8.00 -17.03
C GLY B 98 -25.13 -6.62 -16.49
N LYS B 99 -24.75 -6.37 -15.24
CA LYS B 99 -24.85 -5.05 -14.66
C LYS B 99 -23.77 -4.13 -15.22
N THR B 100 -24.12 -2.85 -15.38
CA THR B 100 -23.21 -1.85 -15.89
C THR B 100 -22.97 -0.72 -14.90
N ARG B 101 -23.50 -0.85 -13.68
CA ARG B 101 -23.44 0.22 -12.69
C ARG B 101 -23.30 -0.40 -11.31
N ILE B 102 -22.32 0.09 -10.54
CA ILE B 102 -22.03 -0.44 -9.21
C ILE B 102 -22.34 0.64 -8.19
N ILE B 103 -23.04 0.27 -7.12
CA ILE B 103 -23.32 1.18 -6.02
C ILE B 103 -22.98 0.49 -4.71
N ALA B 104 -22.69 1.31 -3.71
CA ALA B 104 -22.43 0.83 -2.36
C ALA B 104 -22.57 1.99 -1.40
N GLU B 105 -22.56 1.68 -0.12
CA GLU B 105 -22.52 2.67 0.94
C GLU B 105 -21.22 2.52 1.71
N THR B 106 -20.84 3.59 2.39
CA THR B 106 -19.66 3.53 3.25
C THR B 106 -19.79 4.60 4.33
N GLY B 107 -19.23 4.29 5.50
CA GLY B 107 -19.21 5.23 6.59
C GLY B 107 -17.84 5.84 6.76
N ALA B 108 -16.84 4.99 7.01
CA ALA B 108 -15.47 5.46 7.09
C ALA B 108 -14.95 5.87 5.71
N GLY B 109 -15.09 4.98 4.73
CA GLY B 109 -14.63 5.25 3.39
C GLY B 109 -13.79 4.14 2.81
N GLN B 110 -13.44 3.16 3.66
CA GLN B 110 -12.57 2.08 3.20
C GLN B 110 -13.27 1.21 2.17
N HIS B 111 -14.50 0.76 2.46
CA HIS B 111 -15.24 -0.04 1.49
C HIS B 111 -15.66 0.79 0.29
N GLY B 112 -15.88 2.09 0.48
CA GLY B 112 -16.18 2.97 -0.64
C GLY B 112 -15.03 3.02 -1.64
N VAL B 113 -13.79 3.10 -1.13
CA VAL B 113 -12.63 3.15 -2.02
C VAL B 113 -12.43 1.80 -2.69
N ALA B 114 -12.62 0.70 -1.94
CA ALA B 114 -12.47 -0.62 -2.54
C ALA B 114 -13.52 -0.87 -3.62
N THR B 115 -14.73 -0.37 -3.41
CA THR B 115 -15.79 -0.55 -4.39
C THR B 115 -15.53 0.29 -5.64
N ALA B 116 -15.16 1.55 -5.45
CA ALA B 116 -14.83 2.41 -6.59
C ALA B 116 -13.60 1.90 -7.33
N THR B 117 -12.68 1.26 -6.62
CA THR B 117 -11.52 0.66 -7.26
C THR B 117 -11.93 -0.49 -8.18
N ALA B 118 -12.73 -1.42 -7.66
CA ALA B 118 -13.17 -2.55 -8.48
C ALA B 118 -14.06 -2.11 -9.63
N ALA B 119 -14.88 -1.08 -9.42
CA ALA B 119 -15.71 -0.57 -10.50
C ALA B 119 -14.87 0.02 -11.63
N ALA B 120 -13.78 0.71 -11.29
CA ALA B 120 -12.90 1.25 -12.32
C ALA B 120 -12.12 0.16 -13.03
N LEU B 121 -11.73 -0.89 -12.30
CA LEU B 121 -11.05 -2.02 -12.91
C LEU B 121 -11.92 -2.66 -14.00
N PHE B 122 -13.21 -2.82 -13.73
CA PHE B 122 -14.12 -3.45 -14.69
C PHE B 122 -14.77 -2.45 -15.63
N GLY B 123 -14.53 -1.15 -15.44
CA GLY B 123 -15.06 -0.14 -16.33
C GLY B 123 -16.55 0.11 -16.19
N MET B 124 -17.06 0.16 -14.97
CA MET B 124 -18.46 0.35 -14.70
C MET B 124 -18.69 1.67 -13.98
N GLU B 125 -19.88 2.24 -14.18
CA GLU B 125 -20.26 3.42 -13.42
C GLU B 125 -20.38 3.07 -11.95
N CYS B 126 -19.98 4.02 -11.08
CA CYS B 126 -19.95 3.77 -9.65
C CYS B 126 -20.55 4.96 -8.91
N VAL B 127 -21.46 4.67 -7.98
CA VAL B 127 -22.06 5.66 -7.11
C VAL B 127 -21.91 5.18 -5.68
N ILE B 128 -21.23 5.98 -4.86
CA ILE B 128 -21.01 5.65 -3.46
C ILE B 128 -21.89 6.56 -2.60
N TYR B 129 -22.67 5.96 -1.72
CA TYR B 129 -23.52 6.71 -0.80
C TYR B 129 -22.82 6.83 0.54
N MET B 130 -22.82 8.04 1.09
CA MET B 130 -22.09 8.34 2.31
C MET B 130 -22.84 9.43 3.06
N GLY B 131 -22.87 9.32 4.38
CA GLY B 131 -23.48 10.35 5.20
C GLY B 131 -22.81 11.69 4.99
N GLU B 132 -23.60 12.75 4.85
CA GLU B 132 -23.04 14.07 4.58
C GLU B 132 -22.08 14.52 5.67
N GLU B 133 -22.27 14.03 6.90
CA GLU B 133 -21.32 14.34 7.96
C GLU B 133 -20.00 13.59 7.75
N ASP B 134 -20.08 12.32 7.33
CA ASP B 134 -18.87 11.54 7.10
C ASP B 134 -18.09 12.05 5.90
N THR B 135 -18.77 12.65 4.92
CA THR B 135 -18.08 13.19 3.75
C THR B 135 -17.23 14.40 4.13
N ILE B 136 -17.80 15.31 4.93
CA ILE B 136 -17.08 16.52 5.32
C ILE B 136 -15.85 16.18 6.14
N ARG B 137 -15.91 15.10 6.91
CA ARG B 137 -14.76 14.70 7.73
C ARG B 137 -13.72 13.97 6.91
N GLN B 138 -14.14 12.98 6.13
CA GLN B 138 -13.21 12.15 5.35
C GLN B 138 -13.08 12.70 3.92
N LYS B 139 -12.55 13.92 3.83
CA LYS B 139 -12.38 14.57 2.54
C LYS B 139 -11.36 13.84 1.67
N LEU B 140 -10.34 13.23 2.28
CA LEU B 140 -9.33 12.52 1.51
C LEU B 140 -9.91 11.30 0.82
N ASN B 141 -10.62 10.45 1.56
CA ASN B 141 -11.23 9.28 0.95
C ASN B 141 -12.32 9.67 -0.05
N VAL B 142 -13.01 10.78 0.18
CA VAL B 142 -14.01 11.25 -0.78
C VAL B 142 -13.34 11.62 -2.09
N GLU B 143 -12.17 12.25 -2.03
CA GLU B 143 -11.45 12.60 -3.24
C GLU B 143 -10.77 11.39 -3.88
N ARG B 144 -10.39 10.40 -3.09
CA ARG B 144 -9.94 9.12 -3.64
C ARG B 144 -11.01 8.51 -4.53
N MET B 145 -12.24 8.41 -4.02
CA MET B 145 -13.33 7.82 -4.79
C MET B 145 -13.63 8.64 -6.03
N LYS B 146 -13.59 9.97 -5.91
CA LYS B 146 -13.85 10.83 -7.06
C LYS B 146 -12.74 10.68 -8.11
N LEU B 147 -11.49 10.53 -7.66
CA LEU B 147 -10.41 10.30 -8.59
C LEU B 147 -10.55 8.95 -9.29
N LEU B 148 -11.11 7.95 -8.60
CA LEU B 148 -11.34 6.64 -9.20
C LEU B 148 -12.55 6.63 -10.14
N GLY B 149 -13.25 7.75 -10.29
CA GLY B 149 -14.36 7.85 -11.21
C GLY B 149 -15.73 7.63 -10.61
N ALA B 150 -15.84 7.52 -9.29
CA ALA B 150 -17.11 7.27 -8.63
C ALA B 150 -17.78 8.58 -8.25
N LYS B 151 -19.11 8.57 -8.30
CA LYS B 151 -19.91 9.69 -7.82
C LYS B 151 -20.23 9.47 -6.35
N VAL B 152 -19.90 10.46 -5.52
CA VAL B 152 -20.15 10.39 -4.08
C VAL B 152 -21.39 11.23 -3.78
N VAL B 153 -22.42 10.58 -3.25
CA VAL B 153 -23.69 11.22 -2.96
C VAL B 153 -23.78 11.41 -1.44
N PRO B 154 -23.63 12.63 -0.92
CA PRO B 154 -23.81 12.85 0.50
C PRO B 154 -25.29 12.91 0.87
N VAL B 155 -25.61 12.41 2.06
CA VAL B 155 -26.98 12.42 2.55
C VAL B 155 -27.02 12.85 4.02
N ALA B 165 -28.41 6.97 3.74
CA ALA B 165 -27.24 6.10 3.83
C ALA B 165 -27.50 4.77 3.14
N ILE B 166 -27.66 3.72 3.94
CA ILE B 166 -27.99 2.41 3.38
C ILE B 166 -29.37 2.44 2.73
N ASP B 167 -30.32 3.16 3.36
CA ASP B 167 -31.68 3.22 2.82
C ASP B 167 -31.70 3.91 1.46
N GLU B 168 -30.95 5.01 1.31
CA GLU B 168 -30.88 5.67 0.02
C GLU B 168 -30.18 4.81 -1.02
N ALA B 169 -29.16 4.06 -0.61
CA ALA B 169 -28.46 3.18 -1.54
C ALA B 169 -29.34 2.01 -1.96
N LEU B 170 -30.06 1.42 -1.01
CA LEU B 170 -30.96 0.32 -1.35
C LEU B 170 -32.10 0.80 -2.26
N ARG B 171 -32.60 2.01 -2.04
CA ARG B 171 -33.61 2.57 -2.93
C ARG B 171 -33.08 2.72 -4.35
N ASP B 172 -31.82 3.16 -4.48
CA ASP B 172 -31.17 3.22 -5.79
C ASP B 172 -31.13 1.83 -6.43
N TRP B 173 -30.76 0.82 -5.65
CA TRP B 173 -30.66 -0.54 -6.18
C TRP B 173 -31.98 -1.02 -6.76
N ILE B 174 -33.07 -0.82 -6.01
CA ILE B 174 -34.38 -1.26 -6.49
C ILE B 174 -34.84 -0.42 -7.68
N THR B 175 -34.58 0.89 -7.64
CA THR B 175 -35.02 1.76 -8.71
C THR B 175 -34.36 1.40 -10.04
N ASN B 176 -33.08 1.03 -10.00
CA ASN B 176 -32.30 0.74 -11.21
C ASN B 176 -31.80 -0.70 -11.22
N LEU B 177 -32.65 -1.64 -10.84
CA LEU B 177 -32.25 -3.05 -10.81
C LEU B 177 -31.80 -3.55 -12.17
N GLN B 178 -32.22 -2.90 -13.25
CA GLN B 178 -31.86 -3.36 -14.59
C GLN B 178 -30.36 -3.27 -14.84
N THR B 179 -29.71 -2.23 -14.30
CA THR B 179 -28.31 -1.97 -14.57
C THR B 179 -27.42 -1.94 -13.35
N THR B 180 -27.97 -1.95 -12.15
CA THR B 180 -27.22 -1.64 -10.93
C THR B 180 -27.06 -2.86 -10.04
N TYR B 181 -25.85 -3.02 -9.49
CA TYR B 181 -25.51 -4.04 -8.51
C TYR B 181 -25.14 -3.35 -7.20
N TYR B 182 -25.52 -3.95 -6.08
CA TYR B 182 -25.25 -3.41 -4.75
C TYR B 182 -24.19 -4.26 -4.08
N VAL B 183 -23.09 -3.65 -3.67
CA VAL B 183 -21.98 -4.34 -3.03
C VAL B 183 -22.09 -4.13 -1.53
N PHE B 184 -22.36 -5.21 -0.80
CA PHE B 184 -22.29 -5.17 0.66
C PHE B 184 -20.85 -5.33 1.12
N GLY B 185 -20.46 -4.54 2.12
CA GLY B 185 -19.08 -4.49 2.55
C GLY B 185 -18.66 -5.49 3.60
N SER B 186 -19.59 -6.21 4.21
CA SER B 186 -19.25 -7.18 5.25
C SER B 186 -20.20 -8.36 5.17
N VAL B 187 -20.03 -9.31 6.09
CA VAL B 187 -20.84 -10.52 6.12
C VAL B 187 -22.14 -10.24 6.85
N VAL B 188 -22.76 -9.11 6.53
CA VAL B 188 -24.02 -8.71 7.15
C VAL B 188 -25.09 -8.62 6.07
N GLY B 189 -26.29 -8.18 6.45
CA GLY B 189 -27.37 -8.02 5.51
C GLY B 189 -28.10 -9.32 5.26
N PRO B 190 -29.03 -9.30 4.31
CA PRO B 190 -29.84 -10.49 4.04
C PRO B 190 -29.12 -11.47 3.13
N HIS B 191 -29.54 -12.73 3.22
CA HIS B 191 -29.07 -13.74 2.29
C HIS B 191 -29.31 -13.27 0.86
N PRO B 192 -28.38 -13.50 -0.06
CA PRO B 192 -27.15 -14.29 0.07
C PRO B 192 -25.88 -13.46 0.31
N TYR B 193 -25.97 -12.25 0.86
CA TYR B 193 -24.77 -11.44 1.01
C TYR B 193 -23.81 -12.01 2.05
N PRO B 194 -24.26 -12.47 3.22
CA PRO B 194 -23.29 -13.05 4.17
C PRO B 194 -22.48 -14.21 3.61
N ILE B 195 -23.11 -15.10 2.84
CA ILE B 195 -22.35 -16.22 2.28
C ILE B 195 -21.47 -15.76 1.14
N ILE B 196 -21.90 -14.75 0.36
CA ILE B 196 -21.11 -14.28 -0.76
C ILE B 196 -19.81 -13.64 -0.27
N VAL B 197 -19.91 -12.78 0.74
CA VAL B 197 -18.73 -12.08 1.22
C VAL B 197 -17.76 -13.05 1.90
N ARG B 198 -18.29 -14.01 2.66
CA ARG B 198 -17.43 -14.97 3.34
C ARG B 198 -16.69 -15.84 2.33
N ASN B 199 -17.36 -16.25 1.25
CA ASN B 199 -16.71 -17.06 0.24
C ASN B 199 -15.66 -16.29 -0.56
N PHE B 200 -15.80 -14.96 -0.65
CA PHE B 200 -14.79 -14.14 -1.29
C PHE B 200 -13.65 -13.78 -0.35
N GLN B 201 -13.84 -13.96 0.96
CA GLN B 201 -12.81 -13.62 1.94
C GLN B 201 -12.08 -14.83 2.49
N LYS B 202 -12.63 -16.04 2.32
CA LYS B 202 -12.00 -17.23 2.88
C LYS B 202 -10.63 -17.52 2.27
N VAL B 203 -10.29 -16.86 1.15
CA VAL B 203 -8.96 -17.00 0.57
C VAL B 203 -7.88 -16.63 1.59
N ILE B 204 -8.22 -15.77 2.56
CA ILE B 204 -7.27 -15.42 3.61
C ILE B 204 -6.90 -16.66 4.42
N GLY B 205 -7.90 -17.33 4.97
CA GLY B 205 -7.64 -18.52 5.77
C GLY B 205 -7.06 -19.66 4.95
N GLU B 206 -7.48 -19.79 3.70
CA GLU B 206 -6.95 -20.85 2.84
C GLU B 206 -5.47 -20.63 2.53
N GLU B 207 -5.05 -19.37 2.40
CA GLU B 207 -3.62 -19.10 2.25
C GLU B 207 -2.89 -19.33 3.57
N THR B 208 -3.47 -18.87 4.69
CA THR B 208 -2.85 -19.09 5.99
C THR B 208 -2.72 -20.58 6.30
N LYS B 209 -3.70 -21.38 5.87
CA LYS B 209 -3.66 -22.81 6.14
C LYS B 209 -2.48 -23.48 5.42
N LYS B 210 -2.16 -23.02 4.22
CA LYS B 210 -1.04 -23.57 3.46
C LYS B 210 0.29 -22.90 3.79
N GLN B 211 0.27 -21.77 4.50
CA GLN B 211 1.49 -21.05 4.83
C GLN B 211 2.04 -21.38 6.21
N ILE B 212 1.19 -21.66 7.18
CA ILE B 212 1.63 -21.93 8.55
C ILE B 212 2.37 -23.25 8.69
N PRO B 213 2.16 -24.29 7.85
CA PRO B 213 3.02 -25.47 7.97
C PRO B 213 4.42 -25.24 7.43
N GLU B 214 4.57 -24.38 6.42
CA GLU B 214 5.89 -24.07 5.89
C GLU B 214 6.72 -23.21 6.84
N LYS B 215 6.12 -22.70 7.92
CA LYS B 215 6.84 -21.89 8.89
C LYS B 215 6.91 -22.51 10.28
N GLU B 216 6.02 -23.43 10.62
CA GLU B 216 6.01 -24.06 11.94
C GLU B 216 5.81 -25.57 11.91
N GLY B 217 5.45 -26.16 10.78
CA GLY B 217 5.18 -27.59 10.73
C GLY B 217 4.05 -28.04 11.64
N ARG B 218 3.14 -27.12 11.99
CA ARG B 218 2.12 -27.41 12.98
C ARG B 218 1.04 -26.35 12.86
N LEU B 219 -0.22 -26.76 13.01
CA LEU B 219 -1.32 -25.82 13.00
C LEU B 219 -1.18 -24.84 14.16
N PRO B 220 -1.57 -23.57 13.98
CA PRO B 220 -1.34 -22.59 15.04
C PRO B 220 -2.16 -22.88 16.29
N ASP B 221 -1.69 -22.35 17.41
CA ASP B 221 -2.43 -22.47 18.66
C ASP B 221 -3.58 -21.48 18.72
N TYR B 222 -3.34 -20.24 18.27
CA TYR B 222 -4.33 -19.18 18.28
C TYR B 222 -4.40 -18.54 16.91
N ILE B 223 -5.61 -18.06 16.56
CA ILE B 223 -5.82 -17.22 15.39
C ILE B 223 -6.75 -16.10 15.83
N VAL B 224 -6.21 -14.88 15.86
CA VAL B 224 -6.92 -13.72 16.41
C VAL B 224 -7.26 -12.77 15.27
N ALA B 225 -8.42 -12.15 15.36
CA ALA B 225 -8.87 -11.19 14.35
C ALA B 225 -9.94 -10.30 14.97
N CYS B 226 -10.02 -9.06 14.46
CA CYS B 226 -11.04 -8.14 14.93
C CYS B 226 -12.37 -8.42 14.26
N VAL B 227 -13.46 -8.13 14.97
CA VAL B 227 -14.80 -8.41 14.49
C VAL B 227 -15.68 -7.18 14.70
N SER B 228 -16.22 -6.65 13.61
CA SER B 228 -17.37 -5.74 13.68
C SER B 228 -18.52 -6.38 12.92
N GLY B 229 -18.60 -6.09 11.62
CA GLY B 229 -19.43 -6.92 10.76
C GLY B 229 -18.92 -8.34 10.70
N GLY B 230 -17.61 -8.51 10.53
CA GLY B 230 -16.96 -9.78 10.65
C GLY B 230 -16.38 -10.39 9.38
N SER B 231 -16.15 -9.59 8.34
CA SER B 231 -15.75 -10.17 7.05
C SER B 231 -14.31 -10.69 7.09
N ASN B 232 -13.38 -9.92 7.67
CA ASN B 232 -11.98 -10.38 7.68
C ASN B 232 -11.78 -11.54 8.65
N ALA B 233 -12.50 -11.55 9.78
CA ALA B 233 -12.38 -12.67 10.71
C ALA B 233 -12.97 -13.94 10.10
N ALA B 234 -14.16 -13.85 9.51
CA ALA B 234 -14.77 -15.03 8.89
C ALA B 234 -13.91 -15.55 7.75
N GLY B 235 -13.20 -14.68 7.05
CA GLY B 235 -12.34 -15.13 5.98
C GLY B 235 -11.19 -15.97 6.47
N ILE B 236 -10.61 -15.61 7.61
CA ILE B 236 -9.49 -16.36 8.16
C ILE B 236 -9.93 -17.49 9.10
N PHE B 237 -11.16 -17.43 9.62
CA PHE B 237 -11.64 -18.46 10.54
C PHE B 237 -12.23 -19.66 9.82
N TYR B 238 -12.95 -19.44 8.71
CA TYR B 238 -13.74 -20.51 8.09
C TYR B 238 -12.91 -21.74 7.73
N PRO B 239 -11.72 -21.63 7.10
CA PRO B 239 -10.93 -22.85 6.84
C PRO B 239 -10.40 -23.52 8.09
N PHE B 240 -10.53 -22.92 9.26
CA PHE B 240 -10.01 -23.49 10.50
C PHE B 240 -11.12 -23.91 11.46
N ILE B 241 -12.38 -23.89 11.02
CA ILE B 241 -13.48 -24.29 11.90
C ILE B 241 -13.37 -25.77 12.21
N ASP B 242 -13.42 -26.10 13.51
CA ASP B 242 -13.35 -27.48 14.00
C ASP B 242 -12.04 -28.15 13.59
N SER B 243 -10.93 -27.42 13.78
CA SER B 243 -9.60 -27.94 13.52
C SER B 243 -8.74 -28.00 14.76
N GLY B 244 -9.28 -27.64 15.93
CA GLY B 244 -8.51 -27.57 17.16
C GLY B 244 -7.89 -26.23 17.45
N VAL B 245 -7.68 -25.40 16.43
CA VAL B 245 -7.13 -24.08 16.64
C VAL B 245 -8.14 -23.22 17.40
N LYS B 246 -7.65 -22.49 18.40
CA LYS B 246 -8.49 -21.58 19.18
C LYS B 246 -8.66 -20.30 18.39
N LEU B 247 -9.83 -20.13 17.79
CA LEU B 247 -10.17 -18.93 17.02
C LEU B 247 -10.79 -17.90 17.95
N ILE B 248 -10.31 -16.66 17.88
CA ILE B 248 -10.73 -15.60 18.78
C ILE B 248 -11.06 -14.35 17.98
N GLY B 249 -12.31 -13.91 18.07
CA GLY B 249 -12.73 -12.64 17.49
C GLY B 249 -12.76 -11.56 18.56
N VAL B 250 -12.27 -10.38 18.21
CA VAL B 250 -12.16 -9.26 19.14
C VAL B 250 -13.07 -8.14 18.65
N GLU B 251 -14.06 -7.79 19.46
CA GLU B 251 -15.01 -6.74 19.13
C GLU B 251 -14.53 -5.41 19.71
N ALA B 252 -15.20 -4.34 19.30
CA ALA B 252 -14.82 -2.99 19.69
C ALA B 252 -15.43 -2.68 21.06
N GLY B 253 -14.56 -2.58 22.08
CA GLY B 253 -15.01 -2.25 23.42
C GLY B 253 -15.25 -0.78 23.67
N GLY B 254 -14.82 0.09 22.76
CA GLY B 254 -15.08 1.51 22.90
C GLY B 254 -14.44 2.08 24.16
N GLU B 255 -15.22 2.87 24.90
CA GLU B 255 -14.78 3.41 26.18
C GLU B 255 -14.96 2.41 27.32
N GLY B 256 -15.38 1.18 27.03
CA GLY B 256 -15.63 0.19 28.06
C GLY B 256 -16.94 -0.52 27.87
N LEU B 257 -16.97 -1.83 28.13
CA LEU B 257 -18.19 -2.61 27.91
C LEU B 257 -19.32 -2.15 28.82
N GLU B 258 -19.00 -1.68 30.03
CA GLU B 258 -20.00 -1.22 30.98
C GLU B 258 -20.30 0.26 30.84
N THR B 259 -19.88 0.90 29.76
CA THR B 259 -20.07 2.33 29.55
C THR B 259 -21.14 2.66 28.53
N GLY B 260 -21.68 1.68 27.83
CA GLY B 260 -22.66 1.95 26.80
C GLY B 260 -22.15 2.68 25.58
N LYS B 261 -20.83 2.80 25.44
CA LYS B 261 -20.20 3.46 24.29
C LYS B 261 -19.21 2.45 23.70
N HIS B 262 -19.73 1.54 22.88
CA HIS B 262 -18.95 0.46 22.30
C HIS B 262 -19.67 -0.03 21.05
N ALA B 263 -19.22 -1.17 20.53
CA ALA B 263 -19.85 -1.79 19.37
C ALA B 263 -19.76 -3.31 19.45
N ALA B 264 -19.70 -3.85 20.67
CA ALA B 264 -19.60 -5.29 20.89
C ALA B 264 -21.00 -5.90 20.79
N SER B 265 -21.40 -6.17 19.55
CA SER B 265 -22.75 -6.69 19.31
C SER B 265 -22.92 -8.11 19.84
N LEU B 266 -21.87 -8.94 19.78
CA LEU B 266 -21.97 -10.31 20.27
C LEU B 266 -21.95 -10.38 21.78
N LEU B 267 -21.27 -9.45 22.44
CA LEU B 267 -21.07 -9.53 23.88
C LEU B 267 -22.18 -8.83 24.67
N LYS B 268 -22.65 -7.68 24.18
CA LYS B 268 -23.64 -6.89 24.90
C LYS B 268 -24.92 -6.67 24.11
N GLY B 269 -25.02 -7.22 22.90
CA GLY B 269 -26.23 -7.07 22.10
C GLY B 269 -27.28 -8.11 22.45
N LYS B 270 -28.42 -7.98 21.79
CA LYS B 270 -29.53 -8.90 21.96
C LYS B 270 -30.04 -9.33 20.58
N ILE B 271 -30.87 -10.36 20.58
CA ILE B 271 -31.43 -10.88 19.33
C ILE B 271 -32.27 -9.80 18.66
N GLY B 272 -32.08 -9.63 17.36
CA GLY B 272 -32.83 -8.61 16.65
C GLY B 272 -32.66 -8.76 15.16
N TYR B 273 -33.23 -7.80 14.43
CA TYR B 273 -33.20 -7.78 12.97
C TYR B 273 -32.59 -6.47 12.53
N LEU B 274 -31.50 -6.54 11.77
CA LEU B 274 -30.81 -5.35 11.28
C LEU B 274 -30.46 -5.54 9.82
N HIS B 275 -31.03 -4.70 8.96
CA HIS B 275 -30.71 -4.67 7.54
C HIS B 275 -30.96 -6.03 6.88
N GLY B 276 -31.98 -6.74 7.34
CA GLY B 276 -32.41 -7.98 6.74
C GLY B 276 -31.87 -9.24 7.40
N SER B 277 -31.06 -9.12 8.44
CA SER B 277 -30.42 -10.27 9.07
C SER B 277 -30.91 -10.41 10.50
N LYS B 278 -31.30 -11.63 10.87
CA LYS B 278 -31.58 -11.96 12.27
C LYS B 278 -30.26 -12.28 12.95
N THR B 279 -29.84 -11.42 13.87
CA THR B 279 -28.51 -11.54 14.47
C THR B 279 -28.51 -10.74 15.76
N PHE B 280 -27.33 -10.58 16.36
CA PHE B 280 -27.19 -9.81 17.59
C PHE B 280 -27.00 -8.34 17.26
N VAL B 281 -27.86 -7.49 17.85
CA VAL B 281 -27.89 -6.06 17.59
C VAL B 281 -27.92 -5.33 18.92
N LEU B 282 -27.14 -4.26 19.02
CA LEU B 282 -27.21 -3.38 20.18
C LEU B 282 -28.59 -2.75 20.27
N GLN B 283 -29.37 -3.11 21.27
CA GLN B 283 -30.69 -2.54 21.48
C GLN B 283 -30.88 -2.18 22.94
N ASP B 284 -31.88 -1.33 23.19
CA ASP B 284 -32.29 -1.03 24.56
C ASP B 284 -33.25 -2.10 25.05
N ASP B 285 -33.92 -1.85 26.17
CA ASP B 285 -34.87 -2.83 26.70
C ASP B 285 -36.15 -2.89 25.90
N TRP B 286 -36.39 -1.92 25.01
CA TRP B 286 -37.62 -1.86 24.22
C TRP B 286 -37.39 -2.27 22.76
N GLY B 287 -36.27 -2.92 22.46
CA GLY B 287 -36.02 -3.36 21.10
C GLY B 287 -35.63 -2.27 20.13
N GLN B 288 -35.25 -1.09 20.61
CA GLN B 288 -34.81 0.00 19.74
C GLN B 288 -33.29 -0.08 19.57
N VAL B 289 -32.83 -0.10 18.31
CA VAL B 289 -31.41 -0.22 18.03
C VAL B 289 -30.68 1.00 18.58
N GLN B 290 -29.53 0.75 19.22
CA GLN B 290 -28.72 1.80 19.82
C GLN B 290 -27.55 2.14 18.90
N VAL B 291 -27.10 3.38 18.99
CA VAL B 291 -25.96 3.83 18.20
C VAL B 291 -24.68 3.30 18.82
N SER B 292 -23.83 2.69 17.99
CA SER B 292 -22.55 2.19 18.45
C SER B 292 -21.53 3.32 18.53
N HIS B 293 -20.38 3.02 19.13
CA HIS B 293 -19.30 3.99 19.28
C HIS B 293 -17.97 3.25 19.30
N SER B 294 -16.97 3.83 18.65
CA SER B 294 -15.64 3.24 18.62
C SER B 294 -14.66 4.28 18.08
N VAL B 295 -13.43 4.23 18.59
CA VAL B 295 -12.36 5.06 18.06
C VAL B 295 -12.05 4.68 16.61
N SER B 296 -12.36 3.46 16.21
CA SER B 296 -12.18 3.00 14.84
C SER B 296 -13.52 3.06 14.11
N ALA B 297 -13.59 3.90 13.08
CA ALA B 297 -14.82 4.03 12.31
C ALA B 297 -15.16 2.76 11.54
N GLY B 298 -14.18 1.88 11.31
CA GLY B 298 -14.47 0.62 10.66
C GLY B 298 -15.16 -0.39 11.54
N LEU B 299 -15.17 -0.17 12.85
CA LEU B 299 -15.87 -1.02 13.79
C LEU B 299 -17.15 -0.38 14.32
N ASP B 300 -17.56 0.76 13.77
CA ASP B 300 -18.72 1.50 14.25
C ASP B 300 -19.98 0.95 13.59
N TYR B 301 -20.40 -0.23 14.07
CA TYR B 301 -21.57 -0.91 13.52
C TYR B 301 -22.32 -1.57 14.65
N SER B 302 -23.65 -1.40 14.65
CA SER B 302 -24.47 -1.89 15.75
C SER B 302 -24.73 -3.39 15.68
N GLY B 303 -24.52 -4.02 14.52
CA GLY B 303 -24.77 -5.43 14.35
C GLY B 303 -23.50 -6.24 14.15
N VAL B 304 -23.71 -7.53 13.89
CA VAL B 304 -22.63 -8.47 13.62
C VAL B 304 -23.16 -9.52 12.66
N GLY B 305 -22.26 -10.09 11.85
CA GLY B 305 -22.62 -11.10 10.90
C GLY B 305 -23.30 -12.29 11.55
N PRO B 306 -24.32 -12.83 10.88
CA PRO B 306 -25.02 -14.00 11.46
C PRO B 306 -24.15 -15.22 11.62
N GLU B 307 -23.17 -15.45 10.73
CA GLU B 307 -22.29 -16.61 10.88
C GLU B 307 -21.45 -16.49 12.14
N HIS B 308 -21.13 -15.27 12.57
CA HIS B 308 -20.40 -15.12 13.83
C HIS B 308 -21.29 -15.39 15.03
N ALA B 309 -22.58 -15.06 14.94
CA ALA B 309 -23.51 -15.42 16.00
C ALA B 309 -23.65 -16.95 16.10
N TYR B 310 -23.68 -17.63 14.96
CA TYR B 310 -23.77 -19.08 14.95
C TYR B 310 -22.50 -19.72 15.48
N TRP B 311 -21.34 -19.15 15.14
CA TRP B 311 -20.07 -19.69 15.62
C TRP B 311 -19.91 -19.52 17.13
N ARG B 312 -20.43 -18.42 17.68
CA ARG B 312 -20.34 -18.22 19.13
C ARG B 312 -21.28 -19.16 19.87
N GLU B 313 -22.50 -19.33 19.36
CA GLU B 313 -23.47 -20.21 20.01
C GLU B 313 -22.95 -21.64 20.08
N THR B 314 -22.47 -22.17 18.95
CA THR B 314 -21.93 -23.52 18.91
C THR B 314 -20.53 -23.62 19.50
N GLY B 315 -19.94 -22.50 19.92
CA GLY B 315 -18.64 -22.52 20.56
C GLY B 315 -17.46 -22.76 19.64
N LYS B 316 -17.65 -22.70 18.32
CA LYS B 316 -16.54 -22.94 17.41
C LYS B 316 -15.57 -21.78 17.36
N VAL B 317 -15.99 -20.59 17.79
CA VAL B 317 -15.13 -19.41 17.85
C VAL B 317 -15.41 -18.68 19.16
N LEU B 318 -14.36 -18.27 19.84
CA LEU B 318 -14.49 -17.46 21.05
C LEU B 318 -14.48 -15.98 20.69
N TYR B 319 -15.10 -15.17 21.55
CA TYR B 319 -15.22 -13.74 21.29
C TYR B 319 -14.98 -12.96 22.57
N ASP B 320 -14.21 -11.88 22.45
CA ASP B 320 -13.93 -10.97 23.54
C ASP B 320 -13.90 -9.55 22.97
N ALA B 321 -13.45 -8.59 23.77
CA ALA B 321 -13.39 -7.20 23.33
C ALA B 321 -12.22 -6.51 24.01
N VAL B 322 -11.73 -5.46 23.34
CA VAL B 322 -10.71 -4.58 23.90
C VAL B 322 -11.18 -3.14 23.73
N THR B 323 -10.69 -2.27 24.60
CA THR B 323 -11.17 -0.89 24.63
C THR B 323 -10.44 -0.03 23.60
N ASP B 324 -10.87 1.23 23.48
CA ASP B 324 -10.24 2.16 22.55
C ASP B 324 -8.79 2.42 22.93
N GLU B 325 -8.53 2.68 24.22
CA GLU B 325 -7.17 2.98 24.66
C GLU B 325 -6.24 1.81 24.43
N GLU B 326 -6.72 0.58 24.64
CA GLU B 326 -5.87 -0.58 24.41
C GLU B 326 -5.57 -0.77 22.93
N ALA B 327 -6.51 -0.42 22.06
CA ALA B 327 -6.25 -0.48 20.62
C ALA B 327 -5.26 0.59 20.20
N LEU B 328 -5.39 1.79 20.77
CA LEU B 328 -4.42 2.85 20.49
C LEU B 328 -3.02 2.46 20.94
N ASP B 329 -2.91 1.67 22.00
CA ASP B 329 -1.61 1.20 22.46
C ASP B 329 -1.01 0.21 21.47
N ALA B 330 -1.80 -0.76 21.02
CA ALA B 330 -1.30 -1.71 20.02
C ALA B 330 -0.98 -1.01 18.71
N PHE B 331 -1.70 0.07 18.39
CA PHE B 331 -1.39 0.87 17.21
C PHE B 331 0.02 1.47 17.30
N ILE B 332 0.31 2.12 18.42
CA ILE B 332 1.64 2.69 18.62
C ILE B 332 2.68 1.58 18.77
N GLU B 333 2.29 0.47 19.39
CA GLU B 333 3.25 -0.59 19.68
C GLU B 333 3.79 -1.22 18.40
N LEU B 334 2.91 -1.63 17.49
CA LEU B 334 3.36 -2.26 16.26
C LEU B 334 4.13 -1.29 15.38
N SER B 335 3.78 -0.01 15.42
CA SER B 335 4.50 0.99 14.63
C SER B 335 5.95 1.14 15.09
N ARG B 336 6.16 1.18 16.42
CA ARG B 336 7.50 1.40 16.95
C ARG B 336 8.32 0.12 17.01
N LEU B 337 7.68 -1.03 17.24
CA LEU B 337 8.42 -2.28 17.41
C LEU B 337 8.68 -3.01 16.10
N GLU B 338 7.77 -2.92 15.13
CA GLU B 338 7.91 -3.64 13.88
C GLU B 338 7.93 -2.74 12.66
N GLY B 339 7.71 -1.43 12.83
CA GLY B 339 7.65 -0.56 11.68
C GLY B 339 6.45 -0.76 10.79
N ILE B 340 5.41 -1.42 11.29
CA ILE B 340 4.17 -1.62 10.56
C ILE B 340 3.10 -0.77 11.24
N ILE B 341 2.53 0.18 10.50
CA ILE B 341 1.45 1.02 11.02
C ILE B 341 0.13 0.30 10.74
N PRO B 342 -0.49 -0.31 11.74
CA PRO B 342 -1.68 -1.13 11.49
C PRO B 342 -2.95 -0.30 11.51
N ALA B 343 -3.97 -0.79 10.80
CA ALA B 343 -5.28 -0.18 10.88
C ALA B 343 -5.78 -0.22 12.32
N LEU B 344 -6.53 0.82 12.70
CA LEU B 344 -7.10 0.85 14.04
C LEU B 344 -8.05 -0.32 14.27
N GLU B 345 -8.69 -0.81 13.22
CA GLU B 345 -9.50 -2.02 13.32
C GLU B 345 -8.66 -3.21 13.76
N SER B 346 -7.60 -3.51 13.01
CA SER B 346 -6.73 -4.63 13.34
C SER B 346 -5.95 -4.39 14.63
N SER B 347 -5.86 -3.13 15.08
CA SER B 347 -5.20 -2.85 16.36
C SER B 347 -5.92 -3.50 17.52
N HIS B 348 -7.22 -3.77 17.37
CA HIS B 348 -7.95 -4.48 18.42
C HIS B 348 -7.47 -5.93 18.53
N ALA B 349 -7.25 -6.58 17.39
CA ALA B 349 -6.74 -7.95 17.42
C ALA B 349 -5.31 -7.99 17.96
N LEU B 350 -4.50 -6.97 17.67
CA LEU B 350 -3.14 -6.92 18.20
C LEU B 350 -3.14 -6.65 19.69
N ALA B 351 -4.06 -5.81 20.16
CA ALA B 351 -4.15 -5.51 21.59
C ALA B 351 -4.54 -6.72 22.41
N TYR B 352 -5.17 -7.73 21.81
CA TYR B 352 -5.55 -8.93 22.54
C TYR B 352 -4.38 -9.85 22.83
N LEU B 353 -3.18 -9.54 22.31
CA LEU B 353 -2.01 -10.35 22.63
C LEU B 353 -1.64 -10.24 24.10
N LYS B 354 -2.14 -9.23 24.80
CA LYS B 354 -1.85 -9.05 26.22
C LYS B 354 -2.82 -9.79 27.13
N LYS B 355 -4.07 -9.97 26.71
CA LYS B 355 -5.10 -10.53 27.57
C LYS B 355 -5.07 -12.05 27.64
N ILE B 356 -4.33 -12.72 26.76
CA ILE B 356 -4.24 -14.17 26.77
C ILE B 356 -2.79 -14.57 27.00
N ASN B 357 -2.59 -15.72 27.63
CA ASN B 357 -1.25 -16.26 27.87
C ASN B 357 -0.82 -17.03 26.61
N ILE B 358 0.14 -16.46 25.88
CA ILE B 358 0.62 -17.05 24.63
C ILE B 358 2.04 -17.56 24.77
N LYS B 359 2.56 -17.69 25.99
CA LYS B 359 3.94 -18.12 26.20
C LYS B 359 4.20 -19.47 25.55
N GLY B 360 5.18 -19.50 24.63
CA GLY B 360 5.51 -20.72 23.94
C GLY B 360 4.47 -21.22 22.96
N LYS B 361 3.55 -20.35 22.54
CA LYS B 361 2.48 -20.72 21.63
C LYS B 361 2.63 -20.00 20.31
N VAL B 362 2.13 -20.62 19.24
CA VAL B 362 2.15 -20.03 17.91
C VAL B 362 0.83 -19.31 17.69
N VAL B 363 0.92 -18.00 17.43
CA VAL B 363 -0.25 -17.13 17.32
C VAL B 363 -0.23 -16.46 15.95
N VAL B 364 -1.36 -16.50 15.26
CA VAL B 364 -1.53 -15.83 13.98
C VAL B 364 -2.55 -14.70 14.17
N VAL B 365 -2.12 -13.47 13.89
CA VAL B 365 -3.00 -12.31 13.95
C VAL B 365 -3.29 -11.87 12.52
N ASN B 366 -4.55 -11.56 12.25
CA ASN B 366 -4.97 -11.11 10.92
C ASN B 366 -4.84 -9.58 10.87
N LEU B 367 -3.77 -9.11 10.25
CA LEU B 367 -3.55 -7.68 10.03
C LEU B 367 -4.42 -7.25 8.85
N SER B 368 -5.66 -6.85 9.15
CA SER B 368 -6.66 -6.67 8.11
C SER B 368 -6.41 -5.44 7.23
N GLY B 369 -5.62 -4.48 7.70
CA GLY B 369 -5.35 -3.32 6.88
C GLY B 369 -4.27 -2.45 7.50
N ARG B 370 -3.78 -1.51 6.70
CA ARG B 370 -2.78 -0.57 7.17
C ARG B 370 -3.45 0.65 7.79
N GLY B 371 -2.71 1.36 8.64
CA GLY B 371 -3.28 2.42 9.42
C GLY B 371 -2.94 3.83 8.98
N ASP B 372 -2.55 3.99 7.72
CA ASP B 372 -2.26 5.33 7.21
C ASP B 372 -3.47 6.23 7.34
N LYS B 373 -4.66 5.70 7.09
CA LYS B 373 -5.90 6.48 7.17
C LYS B 373 -6.27 6.87 8.59
N ASP B 374 -5.66 6.25 9.61
CA ASP B 374 -6.01 6.50 11.00
C ASP B 374 -4.99 7.36 11.73
N LEU B 375 -3.92 7.79 11.05
CA LEU B 375 -2.83 8.46 11.75
C LEU B 375 -3.26 9.80 12.33
N GLU B 376 -4.06 10.57 11.58
CA GLU B 376 -4.52 11.85 12.08
C GLU B 376 -5.43 11.68 13.29
N SER B 377 -6.32 10.68 13.26
CA SER B 377 -7.24 10.47 14.37
C SER B 377 -6.51 9.99 15.62
N VAL B 378 -5.46 9.17 15.44
CA VAL B 378 -4.72 8.66 16.59
C VAL B 378 -3.96 9.78 17.27
N LEU B 379 -3.27 10.61 16.49
CA LEU B 379 -2.46 11.68 17.06
C LEU B 379 -3.30 12.73 17.75
N ASN B 380 -4.52 12.96 17.27
CA ASN B 380 -5.40 13.96 17.87
C ASN B 380 -6.26 13.40 19.00
N HIS B 381 -6.12 12.13 19.32
CA HIS B 381 -6.90 11.54 20.40
C HIS B 381 -6.39 12.05 21.75
N PRO B 382 -7.28 12.44 22.67
CA PRO B 382 -6.80 12.98 23.95
C PRO B 382 -5.98 11.99 24.76
N TYR B 383 -6.24 10.69 24.63
CA TYR B 383 -5.44 9.71 25.36
C TYR B 383 -4.04 9.60 24.81
N VAL B 384 -3.88 9.74 23.50
CA VAL B 384 -2.56 9.69 22.88
C VAL B 384 -1.82 11.01 23.10
N ARG B 385 -2.54 12.13 23.03
CA ARG B 385 -1.91 13.43 23.27
C ARG B 385 -1.31 13.51 24.67
N GLU B 386 -2.03 13.00 25.67
CA GLU B 386 -1.52 13.01 27.04
C GLU B 386 -0.44 11.94 27.26
N ARG B 387 -0.32 10.97 26.37
CA ARG B 387 0.72 9.96 26.48
C ARG B 387 1.96 10.41 25.72
#